data_8ORK
#
_entry.id   8ORK
#
_cell.length_a   74.264
_cell.length_b   105.607
_cell.length_c   156.619
_cell.angle_alpha   90
_cell.angle_beta   90
_cell.angle_gamma   90
#
_symmetry.space_group_name_H-M   'I 2 2 2'
#
loop_
_entity.id
_entity.type
_entity.pdbx_description
1 polymer 'Cyclic 2,3-diphosphoglycerate synthetase'
2 non-polymer '3[N-MORPHOLINO]PROPANE SULFONIC ACID'
3 non-polymer 1,2-ETHANEDIOL
4 non-polymer DI(HYDROXYETHYL)ETHER
5 non-polymer 'SODIUM ION'
6 non-polymer 'CHLORIDE ION'
7 water water
#
_entity_poly.entity_id   1
_entity_poly.type   'polypeptide(L)'
_entity_poly.pdbx_seq_one_letter_code
;(MSE)GETKK(MSE)ICLVDGEHYFPVVKDSIEILDDLEHIDVVAVVFIGGTEKLQIEDPKEYSEKLGKPVFFGPDPKKI
PYDVIKKCVKKYNADIV(MSE)DLSDEPVVDYTKRFRIASIVLKEGAVYQGADFKFEPLTEYDVLEKPSIKIIGTGKRIG
KTAVSAYAARVIHKHKYNPCVVA(MSE)GRGGPREPEIVEGNKIEITAEYLLEQADKGVHAASDHWEDAL(MSE)SRILT
VGCRRCGGG(MSE)LGDTFITNVKRGAEIANKLDSDFVI(MSE)EGSGAAIPPVKTNRQIVTVGANQP(MSE)ININNFF
GPFRIGLADLVIIT(MSE)CEEP(MSE)ATTEKIKKVEKFIKEINPSANVIPTVFRPKPVGNVEGKKVLFATTAPKVVVG
KLVNYLESKYGCDVVGVTPHLSNRPLLRRDLKKYINKADL(MSE)LTELKAAAVDVATRVAIEAGLDVVYCDNIPVVIDE
SYGNIDDAIIEVVE(MSE)AIDDFKNNR
;
_entity_poly.pdbx_strand_id   AAA
#
loop_
_chem_comp.id
_chem_comp.type
_chem_comp.name
_chem_comp.formula
CL non-polymer 'CHLORIDE ION' 'Cl -1'
EDO non-polymer 1,2-ETHANEDIOL 'C2 H6 O2'
MPO non-polymer '3[N-MORPHOLINO]PROPANE SULFONIC ACID' 'C7 H15 N O4 S'
NA non-polymer 'SODIUM ION' 'Na 1'
PEG non-polymer DI(HYDROXYETHYL)ETHER 'C4 H10 O3'
#
# COMPACT_ATOMS: atom_id res chain seq x y z
N MSE A 1 -17.14 -19.89 23.66
CA MSE A 1 -16.10 -20.02 24.72
C MSE A 1 -14.96 -20.86 24.19
O MSE A 1 -14.95 -21.11 22.98
CB MSE A 1 -16.68 -20.68 25.97
CG MSE A 1 -18.05 -21.28 25.76
SE MSE A 1 -19.32 -19.82 25.62
CE MSE A 1 -18.39 -18.10 25.74
N GLY A 2 -14.02 -21.26 25.05
CA GLY A 2 -12.87 -22.08 24.64
C GLY A 2 -12.40 -21.72 23.25
N GLU A 3 -12.37 -22.69 22.35
CA GLU A 3 -11.92 -22.48 20.93
C GLU A 3 -13.05 -22.97 19.98
N THR A 4 -14.29 -22.74 20.35
CA THR A 4 -15.49 -23.02 19.54
C THR A 4 -15.66 -21.86 18.53
N LYS A 5 -15.53 -22.15 17.25
CA LYS A 5 -15.50 -21.08 16.22
CA LYS A 5 -15.50 -21.11 16.20
C LYS A 5 -16.94 -20.64 15.92
N LYS A 6 -17.14 -19.34 15.94
CA LYS A 6 -18.44 -18.74 15.57
CA LYS A 6 -18.43 -18.72 15.57
C LYS A 6 -18.48 -18.64 14.06
N MSE A 7 -19.40 -19.39 13.48
CA MSE A 7 -19.53 -19.49 12.05
C MSE A 7 -20.83 -18.87 11.56
O MSE A 7 -21.89 -19.09 12.16
CB MSE A 7 -19.49 -20.96 11.63
CG MSE A 7 -19.69 -21.17 10.15
SE MSE A 7 -19.63 -23.08 9.67
CE MSE A 7 -17.75 -23.47 9.98
H MSE A 7 -20.05 -19.91 14.06
HA MSE A 7 -18.78 -19.02 11.63
HB2 MSE A 7 -20.17 -21.43 12.10
HB3 MSE A 7 -18.65 -21.34 11.89
HG2 MSE A 7 -18.98 -20.70 9.65
HG3 MSE A 7 -20.55 -20.81 9.87
HE1 MSE A 7 -17.58 -24.41 9.80
HE2 MSE A 7 -17.54 -23.28 10.91
HE3 MSE A 7 -17.21 -22.92 9.40
N ILE A 8 -20.69 -18.11 10.48
CA ILE A 8 -21.83 -17.65 9.69
C ILE A 8 -21.85 -18.41 8.37
N CYS A 9 -22.98 -18.98 8.02
CA CYS A 9 -23.09 -19.77 6.77
C CYS A 9 -23.82 -18.92 5.72
N LEU A 10 -23.31 -18.90 4.51
CA LEU A 10 -23.97 -18.21 3.37
C LEU A 10 -24.73 -19.28 2.60
N VAL A 11 -26.04 -19.10 2.43
CA VAL A 11 -26.88 -20.10 1.73
C VAL A 11 -27.70 -19.36 0.69
N ASP A 12 -28.30 -20.08 -0.23
CA ASP A 12 -29.08 -19.40 -1.30
C ASP A 12 -30.41 -20.12 -1.46
N GLY A 13 -31.30 -19.50 -2.23
CA GLY A 13 -32.60 -20.10 -2.62
C GLY A 13 -32.55 -20.86 -3.94
N GLU A 14 -31.36 -21.16 -4.48
CA GLU A 14 -31.19 -22.07 -5.64
C GLU A 14 -30.91 -23.50 -5.14
N HIS A 15 -31.09 -23.72 -3.83
CA HIS A 15 -31.07 -25.04 -3.17
C HIS A 15 -32.43 -25.29 -2.55
N TYR A 16 -32.87 -26.54 -2.61
CA TYR A 16 -34.09 -26.98 -1.90
C TYR A 16 -33.77 -26.99 -0.42
N PHE A 17 -34.74 -26.56 0.37
CA PHE A 17 -34.57 -26.29 1.81
C PHE A 17 -33.98 -27.48 2.55
N PRO A 18 -34.38 -28.75 2.31
CA PRO A 18 -33.83 -29.84 3.11
C PRO A 18 -32.31 -30.00 3.00
N VAL A 19 -31.74 -29.70 1.84
CA VAL A 19 -30.28 -29.84 1.64
C VAL A 19 -29.58 -28.76 2.47
N VAL A 20 -30.13 -27.54 2.47
CA VAL A 20 -29.60 -26.40 3.25
C VAL A 20 -29.72 -26.71 4.75
N LYS A 21 -30.93 -27.09 5.19
CA LYS A 21 -31.16 -27.47 6.61
CA LYS A 21 -31.14 -27.45 6.61
C LYS A 21 -30.19 -28.59 7.02
N ASP A 22 -30.04 -29.61 6.20
CA ASP A 22 -29.13 -30.75 6.50
C ASP A 22 -27.73 -30.23 6.79
N SER A 23 -27.17 -29.41 5.91
CA SER A 23 -25.78 -28.89 6.04
C SER A 23 -25.66 -28.00 7.27
N ILE A 24 -26.61 -27.11 7.51
CA ILE A 24 -26.57 -26.20 8.70
C ILE A 24 -26.61 -27.04 9.99
N GLU A 25 -27.48 -28.05 10.01
CA GLU A 25 -27.67 -28.92 11.21
C GLU A 25 -26.38 -29.72 11.46
N ILE A 26 -25.74 -30.19 10.40
CA ILE A 26 -24.46 -30.93 10.53
C ILE A 26 -23.41 -30.02 11.15
N LEU A 27 -23.25 -28.81 10.62
CA LEU A 27 -22.24 -27.87 11.14
C LEU A 27 -22.62 -27.47 12.55
N ASP A 28 -23.89 -27.28 12.84
CA ASP A 28 -24.26 -26.88 14.21
C ASP A 28 -24.00 -28.05 15.19
N ASP A 29 -24.17 -29.29 14.75
CA ASP A 29 -24.04 -30.49 15.61
C ASP A 29 -22.54 -30.89 15.75
N LEU A 30 -21.67 -30.47 14.83
CA LEU A 30 -20.24 -30.84 14.86
C LEU A 30 -19.52 -30.14 15.99
N GLU A 31 -18.56 -30.83 16.59
CA GLU A 31 -17.71 -30.24 17.64
C GLU A 31 -16.95 -29.03 17.08
N HIS A 32 -16.71 -28.08 17.98
CA HIS A 32 -15.82 -26.90 17.77
CA HIS A 32 -15.83 -26.90 17.79
C HIS A 32 -16.45 -25.87 16.83
N ILE A 33 -17.70 -26.05 16.45
CA ILE A 33 -18.34 -25.13 15.47
C ILE A 33 -19.63 -24.62 16.08
N ASP A 34 -19.79 -23.30 16.16
CA ASP A 34 -21.07 -22.75 16.59
C ASP A 34 -21.66 -21.94 15.43
N VAL A 35 -22.73 -22.42 14.78
CA VAL A 35 -23.38 -21.68 13.67
C VAL A 35 -24.24 -20.59 14.34
N VAL A 36 -23.73 -19.37 14.34
CA VAL A 36 -24.38 -18.24 15.07
C VAL A 36 -25.48 -17.59 14.22
N ALA A 37 -25.43 -17.74 12.90
CA ALA A 37 -26.34 -17.01 11.98
C ALA A 37 -26.18 -17.56 10.58
N VAL A 38 -27.25 -17.42 9.82
CA VAL A 38 -27.26 -17.78 8.38
C VAL A 38 -27.59 -16.51 7.60
N VAL A 39 -26.85 -16.22 6.54
CA VAL A 39 -27.18 -15.11 5.61
C VAL A 39 -27.63 -15.75 4.32
N PHE A 40 -28.88 -15.51 3.96
CA PHE A 40 -29.41 -15.92 2.65
C PHE A 40 -28.96 -14.88 1.61
N ILE A 41 -28.20 -15.27 0.62
CA ILE A 41 -27.50 -14.25 -0.20
C ILE A 41 -28.17 -14.11 -1.57
N GLY A 42 -29.28 -14.81 -1.80
CA GLY A 42 -30.05 -14.61 -3.05
C GLY A 42 -30.58 -15.90 -3.61
N GLY A 43 -31.24 -15.77 -4.77
CA GLY A 43 -31.82 -16.89 -5.52
C GLY A 43 -33.21 -17.14 -4.99
N THR A 44 -34.14 -17.51 -5.84
CA THR A 44 -35.53 -17.81 -5.40
C THR A 44 -36.07 -19.06 -6.12
N GLU A 45 -35.38 -19.60 -7.13
CA GLU A 45 -35.97 -20.62 -8.05
CA GLU A 45 -35.94 -20.63 -8.05
C GLU A 45 -36.38 -21.88 -7.26
N LYS A 46 -35.72 -22.21 -6.15
CA LYS A 46 -35.98 -23.52 -5.46
C LYS A 46 -36.68 -23.30 -4.13
N LEU A 47 -37.03 -22.05 -3.79
CA LEU A 47 -37.75 -21.72 -2.54
C LEU A 47 -39.14 -22.35 -2.61
N GLN A 48 -39.57 -23.02 -1.55
CA GLN A 48 -40.94 -23.58 -1.41
C GLN A 48 -41.58 -23.02 -0.12
N ILE A 49 -40.86 -22.12 0.58
CA ILE A 49 -41.33 -21.35 1.77
C ILE A 49 -41.24 -19.85 1.45
N GLU A 50 -42.36 -19.11 1.50
CA GLU A 50 -42.46 -17.68 1.08
C GLU A 50 -42.25 -16.75 2.28
N ASP A 51 -42.56 -17.22 3.50
CA ASP A 51 -42.50 -16.43 4.76
C ASP A 51 -41.12 -16.62 5.38
N PRO A 52 -40.25 -15.58 5.42
CA PRO A 52 -38.91 -15.70 5.99
C PRO A 52 -38.78 -16.04 7.49
N LYS A 53 -39.81 -15.76 8.29
CA LYS A 53 -39.80 -16.14 9.74
CA LYS A 53 -39.83 -16.13 9.73
C LYS A 53 -40.03 -17.65 9.83
N GLU A 54 -40.80 -18.21 8.89
CA GLU A 54 -41.00 -19.67 8.76
C GLU A 54 -39.66 -20.34 8.37
N TYR A 55 -38.98 -19.75 7.39
CA TYR A 55 -37.67 -20.22 6.84
C TYR A 55 -36.70 -20.31 8.02
N SER A 56 -36.62 -19.23 8.81
CA SER A 56 -35.78 -19.12 10.04
C SER A 56 -36.19 -20.12 11.15
N GLU A 57 -37.49 -20.22 11.44
CA GLU A 57 -38.02 -21.17 12.45
C GLU A 57 -37.64 -22.58 11.99
N LYS A 58 -37.90 -22.92 10.72
CA LYS A 58 -37.64 -24.31 10.23
C LYS A 58 -36.14 -24.58 10.22
N LEU A 59 -35.31 -23.57 9.94
CA LEU A 59 -33.83 -23.74 9.90
C LEU A 59 -33.26 -23.77 11.32
N GLY A 60 -33.92 -23.12 12.28
CA GLY A 60 -33.48 -23.10 13.68
C GLY A 60 -32.33 -22.14 13.90
N LYS A 61 -32.15 -21.14 13.05
CA LYS A 61 -31.07 -20.13 13.22
C LYS A 61 -31.64 -18.74 12.93
N PRO A 62 -31.05 -17.67 13.49
CA PRO A 62 -31.28 -16.33 12.95
C PRO A 62 -30.91 -16.33 11.47
N VAL A 63 -31.80 -15.83 10.61
CA VAL A 63 -31.56 -15.77 9.14
C VAL A 63 -31.67 -14.33 8.70
N PHE A 64 -30.61 -13.82 8.06
CA PHE A 64 -30.54 -12.43 7.57
C PHE A 64 -30.60 -12.48 6.05
N PHE A 65 -31.24 -11.47 5.45
CA PHE A 65 -31.72 -11.43 4.03
C PHE A 65 -31.52 -9.99 3.56
N GLY A 66 -31.08 -9.79 2.32
CA GLY A 66 -31.14 -8.45 1.72
C GLY A 66 -32.48 -8.31 1.02
N PRO A 67 -32.91 -7.08 0.71
CA PRO A 67 -34.22 -6.89 0.08
C PRO A 67 -34.30 -7.41 -1.36
N ASP A 68 -33.16 -7.54 -2.04
CA ASP A 68 -33.12 -7.85 -3.49
C ASP A 68 -32.51 -9.23 -3.71
N PRO A 69 -33.29 -10.25 -4.12
CA PRO A 69 -32.75 -11.59 -4.34
C PRO A 69 -31.76 -11.74 -5.51
N LYS A 70 -31.63 -10.70 -6.34
CA LYS A 70 -30.79 -10.79 -7.56
C LYS A 70 -29.38 -10.25 -7.26
N LYS A 71 -29.12 -9.82 -6.03
CA LYS A 71 -27.77 -9.32 -5.74
C LYS A 71 -27.30 -9.82 -4.37
N ILE A 72 -25.99 -9.93 -4.23
CA ILE A 72 -25.38 -10.28 -2.93
C ILE A 72 -25.65 -9.14 -1.95
N PRO A 73 -26.20 -9.43 -0.74
CA PRO A 73 -26.40 -8.41 0.27
C PRO A 73 -25.12 -8.14 1.07
N TYR A 74 -24.16 -7.45 0.46
CA TYR A 74 -22.80 -7.21 1.02
C TYR A 74 -22.93 -6.58 2.39
N ASP A 75 -23.82 -5.60 2.59
CA ASP A 75 -23.91 -4.89 3.89
CA ASP A 75 -23.98 -4.86 3.87
C ASP A 75 -24.53 -5.81 4.95
N VAL A 76 -25.47 -6.66 4.59
CA VAL A 76 -26.02 -7.66 5.54
C VAL A 76 -24.91 -8.60 5.99
N ILE A 77 -24.09 -9.09 5.07
CA ILE A 77 -22.91 -9.94 5.47
C ILE A 77 -22.01 -9.17 6.45
N LYS A 78 -21.58 -7.95 6.12
CA LYS A 78 -20.69 -7.13 6.97
C LYS A 78 -21.30 -6.94 8.37
N LYS A 79 -22.56 -6.56 8.42
CA LYS A 79 -23.23 -6.30 9.73
CA LYS A 79 -23.31 -6.31 9.70
C LYS A 79 -23.33 -7.60 10.53
N CYS A 80 -23.59 -8.73 9.91
CA CYS A 80 -23.71 -10.02 10.61
CA CYS A 80 -23.71 -10.04 10.58
C CYS A 80 -22.37 -10.45 11.20
N VAL A 81 -21.30 -10.29 10.44
CA VAL A 81 -19.93 -10.64 10.93
C VAL A 81 -19.64 -9.77 12.16
N LYS A 82 -19.98 -8.48 12.12
CA LYS A 82 -19.68 -7.55 13.25
C LYS A 82 -20.60 -7.89 14.41
N LYS A 83 -21.89 -8.17 14.17
CA LYS A 83 -22.87 -8.37 15.25
C LYS A 83 -22.43 -9.58 16.10
N TYR A 84 -22.02 -10.67 15.45
CA TYR A 84 -21.78 -11.97 16.10
C TYR A 84 -20.29 -12.20 16.35
N ASN A 85 -19.45 -11.23 16.01
CA ASN A 85 -17.96 -11.34 16.09
CA ASN A 85 -17.97 -11.33 16.05
C ASN A 85 -17.54 -12.69 15.46
N ALA A 86 -18.03 -13.01 14.27
CA ALA A 86 -17.80 -14.31 13.64
C ALA A 86 -16.31 -14.55 13.40
N ASP A 87 -15.88 -15.81 13.57
CA ASP A 87 -14.50 -16.24 13.27
C ASP A 87 -14.39 -16.70 11.83
N ILE A 88 -15.48 -17.24 11.29
CA ILE A 88 -15.47 -17.84 9.93
CA ILE A 88 -15.50 -17.92 9.95
C ILE A 88 -16.81 -17.58 9.22
N VAL A 89 -16.71 -17.26 7.95
CA VAL A 89 -17.87 -17.24 7.04
C VAL A 89 -17.66 -18.39 6.07
N MSE A 90 -18.60 -19.32 6.15
CA MSE A 90 -18.57 -20.52 5.33
CA MSE A 90 -18.59 -20.53 5.34
C MSE A 90 -19.57 -20.35 4.20
O MSE A 90 -20.76 -20.17 4.43
CB MSE A 90 -18.94 -21.72 6.21
CB MSE A 90 -18.95 -21.72 6.23
CG MSE A 90 -19.10 -22.99 5.43
CG MSE A 90 -19.26 -23.01 5.50
SE MSE A 90 -17.39 -23.68 4.82
SE MSE A 90 -17.70 -24.19 5.31
CE MSE A 90 -17.21 -25.35 5.84
CE MSE A 90 -17.61 -24.90 3.47
H MSE A 90 -19.36 -19.20 6.80
HA MSE A 90 -17.67 -20.64 4.97
HA MSE A 90 -17.68 -20.66 4.98
HB2 MSE A 90 -19.75 -21.52 6.67
HB2 MSE A 90 -19.71 -21.49 6.75
HB3 MSE A 90 -18.26 -21.85 6.86
HB3 MSE A 90 -18.22 -21.89 6.84
HG2 MSE A 90 -19.68 -22.83 4.66
HG2 MSE A 90 -19.61 -22.81 4.61
HG3 MSE A 90 -19.54 -23.67 6.01
HG3 MSE A 90 -19.96 -23.50 5.99
HE1 MSE A 90 -16.35 -25.75 5.64
HE1 MSE A 90 -16.69 -25.14 3.25
HE2 MSE A 90 -17.92 -25.96 5.59
HE2 MSE A 90 -17.92 -24.22 2.84
HE3 MSE A 90 -17.27 -25.16 6.79
HE3 MSE A 90 -18.18 -25.69 3.39
N ASP A 91 -19.08 -20.44 2.97
CA ASP A 91 -19.89 -20.22 1.76
C ASP A 91 -20.46 -21.55 1.28
N LEU A 92 -21.77 -21.74 1.39
CA LEU A 92 -22.47 -22.97 0.95
C LEU A 92 -23.31 -22.61 -0.28
N SER A 93 -22.92 -21.57 -1.00
CA SER A 93 -23.70 -21.14 -2.19
C SER A 93 -23.01 -21.71 -3.43
N ASP A 94 -23.56 -21.40 -4.60
CA ASP A 94 -23.00 -21.86 -5.88
C ASP A 94 -23.50 -20.91 -6.97
N GLU A 95 -22.96 -21.04 -8.18
CA GLU A 95 -23.62 -20.44 -9.37
C GLU A 95 -25.05 -20.94 -9.37
N PRO A 96 -26.05 -20.13 -9.79
CA PRO A 96 -25.86 -18.83 -10.43
C PRO A 96 -25.88 -17.65 -9.45
N VAL A 97 -25.88 -17.94 -8.16
CA VAL A 97 -25.95 -16.87 -7.12
C VAL A 97 -24.59 -16.20 -6.90
N VAL A 98 -23.52 -17.00 -6.84
CA VAL A 98 -22.12 -16.48 -6.74
C VAL A 98 -21.36 -16.79 -8.04
N ASP A 99 -20.33 -15.98 -8.31
CA ASP A 99 -19.29 -16.24 -9.32
C ASP A 99 -17.95 -15.83 -8.69
N TYR A 100 -16.87 -15.89 -9.44
CA TYR A 100 -15.51 -15.58 -8.94
C TYR A 100 -15.48 -14.15 -8.39
N THR A 101 -16.00 -13.20 -9.17
CA THR A 101 -15.95 -11.76 -8.84
C THR A 101 -16.72 -11.54 -7.53
N LYS A 102 -17.92 -12.07 -7.42
CA LYS A 102 -18.75 -11.86 -6.22
C LYS A 102 -18.07 -12.48 -5.00
N ARG A 103 -17.47 -13.64 -5.14
CA ARG A 103 -16.72 -14.28 -4.04
C ARG A 103 -15.54 -13.40 -3.61
N PHE A 104 -14.80 -12.73 -4.50
CA PHE A 104 -13.75 -11.81 -4.04
C PHE A 104 -14.36 -10.59 -3.36
N ARG A 105 -15.55 -10.13 -3.78
CA ARG A 105 -16.22 -9.02 -3.06
C ARG A 105 -16.62 -9.48 -1.65
N ILE A 106 -17.21 -10.68 -1.54
CA ILE A 106 -17.57 -11.23 -0.20
C ILE A 106 -16.28 -11.34 0.62
N ALA A 107 -15.23 -11.94 0.05
CA ALA A 107 -13.94 -12.14 0.75
C ALA A 107 -13.42 -10.81 1.28
N SER A 108 -13.44 -9.75 0.49
CA SER A 108 -12.97 -8.40 0.88
C SER A 108 -13.76 -7.89 2.09
N ILE A 109 -15.06 -8.13 2.14
CA ILE A 109 -15.88 -7.72 3.32
C ILE A 109 -15.48 -8.54 4.55
N VAL A 110 -15.45 -9.85 4.40
CA VAL A 110 -15.27 -10.79 5.56
C VAL A 110 -13.86 -10.62 6.14
N LEU A 111 -12.84 -10.57 5.27
CA LEU A 111 -11.42 -10.52 5.70
C LEU A 111 -11.16 -9.17 6.37
N LYS A 112 -11.80 -8.11 5.92
CA LYS A 112 -11.62 -6.79 6.56
C LYS A 112 -12.12 -6.84 8.00
N GLU A 113 -13.12 -7.65 8.31
CA GLU A 113 -13.66 -7.77 9.69
C GLU A 113 -12.85 -8.79 10.51
N GLY A 114 -11.77 -9.34 9.98
CA GLY A 114 -10.89 -10.25 10.72
C GLY A 114 -11.40 -11.68 10.78
N ALA A 115 -12.36 -12.06 9.93
CA ALA A 115 -12.88 -13.44 9.86
C ALA A 115 -12.27 -14.19 8.66
N VAL A 116 -12.14 -15.50 8.81
CA VAL A 116 -11.81 -16.44 7.71
C VAL A 116 -12.99 -16.46 6.72
N TYR A 117 -12.69 -16.50 5.44
CA TYR A 117 -13.69 -16.75 4.38
C TYR A 117 -13.33 -18.07 3.72
N GLN A 118 -14.23 -19.04 3.78
CA GLN A 118 -13.95 -20.42 3.32
CA GLN A 118 -13.92 -20.36 3.21
C GLN A 118 -15.14 -20.96 2.51
N GLY A 119 -14.84 -21.80 1.54
CA GLY A 119 -15.80 -22.60 0.79
C GLY A 119 -15.25 -23.99 0.61
N ALA A 120 -15.82 -24.76 -0.31
CA ALA A 120 -15.52 -26.20 -0.42
C ALA A 120 -14.02 -26.38 -0.74
N ASP A 121 -13.41 -25.52 -1.54
CA ASP A 121 -12.05 -25.81 -2.09
C ASP A 121 -11.15 -24.57 -1.95
N PHE A 122 -11.57 -23.58 -1.19
CA PHE A 122 -10.77 -22.37 -0.97
C PHE A 122 -10.92 -21.90 0.48
N LYS A 123 -9.85 -21.30 0.95
CA LYS A 123 -9.80 -20.65 2.26
C LYS A 123 -8.93 -19.40 2.17
N PHE A 124 -9.43 -18.28 2.67
CA PHE A 124 -8.69 -17.01 2.78
C PHE A 124 -8.60 -16.67 4.26
N GLU A 125 -7.41 -16.29 4.71
CA GLU A 125 -7.15 -15.95 6.12
C GLU A 125 -7.04 -14.45 6.19
N PRO A 126 -7.62 -13.80 7.21
CA PRO A 126 -7.43 -12.37 7.39
C PRO A 126 -5.96 -12.10 7.75
N LEU A 127 -5.55 -10.83 7.59
CA LEU A 127 -4.14 -10.45 7.80
C LEU A 127 -3.78 -10.74 9.26
N THR A 128 -2.61 -11.32 9.48
CA THR A 128 -1.93 -11.32 10.80
C THR A 128 -1.95 -9.89 11.36
N GLU A 129 -2.25 -9.74 12.65
CA GLU A 129 -2.19 -8.40 13.30
C GLU A 129 -1.55 -8.52 14.67
N TYR A 130 -0.50 -7.77 14.86
CA TYR A 130 0.21 -7.57 16.15
C TYR A 130 -0.06 -6.13 16.55
N ASP A 131 -0.51 -5.95 17.77
CA ASP A 131 -0.75 -4.60 18.34
C ASP A 131 0.42 -4.27 19.24
N VAL A 132 1.44 -3.58 18.73
CA VAL A 132 2.74 -3.44 19.44
CA VAL A 132 2.78 -3.45 19.36
C VAL A 132 3.17 -1.98 19.54
N LEU A 133 2.65 -1.09 18.68
CA LEU A 133 3.22 0.28 18.58
C LEU A 133 2.73 1.11 19.77
N GLU A 134 3.62 1.88 20.39
CA GLU A 134 3.28 2.77 21.52
C GLU A 134 3.45 4.23 21.07
N LYS A 135 3.38 4.46 19.77
CA LYS A 135 3.49 5.80 19.14
C LYS A 135 2.45 5.84 18.03
N PRO A 136 1.96 7.04 17.67
CA PRO A 136 1.04 7.20 16.55
C PRO A 136 1.70 6.70 15.27
N SER A 137 0.90 6.19 14.33
CA SER A 137 1.47 5.43 13.21
C SER A 137 0.58 5.47 11.96
N ILE A 138 1.27 5.38 10.81
CA ILE A 138 0.63 5.11 9.50
CA ILE A 138 0.71 5.21 9.44
C ILE A 138 1.34 3.96 8.82
N LYS A 139 0.61 3.30 7.96
CA LYS A 139 1.08 2.23 7.09
C LYS A 139 0.96 2.79 5.69
N ILE A 140 1.93 2.52 4.82
CA ILE A 140 1.85 2.93 3.40
C ILE A 140 1.98 1.65 2.60
N ILE A 141 0.98 1.35 1.77
CA ILE A 141 0.93 0.12 0.93
C ILE A 141 0.50 0.48 -0.49
N GLY A 142 0.54 -0.51 -1.38
CA GLY A 142 0.25 -0.35 -2.81
C GLY A 142 -0.68 -1.43 -3.31
N THR A 143 -1.16 -1.31 -4.53
CA THR A 143 -2.13 -2.24 -5.10
C THR A 143 -1.49 -3.02 -6.24
N GLY A 144 -0.21 -2.79 -6.55
CA GLY A 144 0.38 -3.58 -7.64
C GLY A 144 1.81 -3.19 -7.93
N LYS A 145 2.40 -3.81 -8.97
CA LYS A 145 3.84 -3.64 -9.32
C LYS A 145 3.99 -2.36 -10.13
N ARG A 146 5.16 -1.74 -10.05
CA ARG A 146 5.60 -0.69 -11.00
C ARG A 146 4.66 0.50 -10.91
N ILE A 147 4.25 0.87 -9.71
CA ILE A 147 3.34 2.05 -9.56
C ILE A 147 4.07 3.18 -8.84
N GLY A 148 5.36 2.98 -8.51
CA GLY A 148 6.17 3.98 -7.79
C GLY A 148 5.84 4.09 -6.33
N LYS A 149 5.51 2.96 -5.68
N LYS A 149 5.49 2.97 -5.66
CA LYS A 149 5.17 2.94 -4.23
CA LYS A 149 5.16 3.02 -4.21
C LYS A 149 6.37 3.47 -3.42
C LYS A 149 6.37 3.49 -3.42
N THR A 150 7.57 3.07 -3.80
CA THR A 150 8.84 3.48 -3.09
C THR A 150 8.98 5.01 -3.12
N ALA A 151 8.80 5.62 -4.28
CA ALA A 151 8.91 7.09 -4.45
C ALA A 151 7.84 7.79 -3.59
N VAL A 152 6.63 7.25 -3.54
CA VAL A 152 5.52 7.83 -2.73
C VAL A 152 5.83 7.70 -1.24
N SER A 153 6.27 6.54 -0.76
CA SER A 153 6.58 6.34 0.69
CA SER A 153 6.55 6.35 0.69
C SER A 153 7.74 7.22 1.14
N ALA A 154 8.79 7.33 0.34
CA ALA A 154 9.96 8.15 0.72
C ALA A 154 9.53 9.63 0.72
N TYR A 155 8.74 10.05 -0.27
CA TYR A 155 8.23 11.45 -0.29
C TYR A 155 7.44 11.70 0.99
N ALA A 156 6.52 10.80 1.34
CA ALA A 156 5.69 10.96 2.55
C ALA A 156 6.58 11.10 3.78
N ALA A 157 7.57 10.24 3.94
CA ALA A 157 8.54 10.25 5.06
C ALA A 157 9.22 11.62 5.12
N ARG A 158 9.72 12.11 3.99
CA ARG A 158 10.43 13.42 3.92
C ARG A 158 9.47 14.56 4.32
N VAL A 159 8.22 14.52 3.87
CA VAL A 159 7.21 15.58 4.17
C VAL A 159 6.96 15.58 5.68
N ILE A 160 6.76 14.40 6.24
CA ILE A 160 6.45 14.25 7.69
C ILE A 160 7.65 14.75 8.50
N HIS A 161 8.86 14.43 8.07
CA HIS A 161 10.11 14.92 8.72
C HIS A 161 10.17 16.45 8.68
N LYS A 162 10.00 17.03 7.49
CA LYS A 162 10.01 18.49 7.21
C LYS A 162 9.01 19.21 8.14
N HIS A 163 7.86 18.62 8.46
CA HIS A 163 6.81 19.26 9.28
C HIS A 163 7.01 18.96 10.77
N LYS A 164 8.20 18.45 11.15
CA LYS A 164 8.69 18.37 12.56
C LYS A 164 7.91 17.32 13.36
N TYR A 165 7.43 16.23 12.74
CA TYR A 165 6.72 15.14 13.47
C TYR A 165 7.71 14.10 14.02
N ASN A 166 9.00 14.23 13.68
CA ASN A 166 10.10 13.36 14.15
C ASN A 166 9.78 11.89 13.86
N PRO A 167 9.50 11.54 12.59
CA PRO A 167 9.19 10.15 12.22
C PRO A 167 10.41 9.22 12.21
N CYS A 168 10.11 7.93 12.35
CA CYS A 168 11.00 6.84 11.93
C CYS A 168 10.24 5.94 10.95
N VAL A 169 10.97 5.14 10.20
CA VAL A 169 10.37 4.20 9.21
C VAL A 169 10.73 2.79 9.68
N VAL A 170 9.75 1.89 9.69
CA VAL A 170 10.05 0.44 9.78
C VAL A 170 9.79 -0.14 8.39
N ALA A 171 10.84 -0.58 7.71
CA ALA A 171 10.78 -1.07 6.32
C ALA A 171 10.87 -2.60 6.32
N MSE A 172 9.76 -3.26 5.99
CA MSE A 172 9.77 -4.72 5.87
C MSE A 172 10.13 -5.09 4.43
O MSE A 172 9.25 -5.18 3.59
CB MSE A 172 8.40 -5.28 6.26
CG MSE A 172 8.37 -6.83 6.29
SE MSE A 172 6.51 -7.45 6.65
CE MSE A 172 5.57 -6.51 5.17
H MSE A 172 8.90 -2.76 5.84
HA MSE A 172 10.45 -5.08 6.48
HB2 MSE A 172 7.75 -4.98 5.63
HB3 MSE A 172 8.17 -4.97 7.12
HG2 MSE A 172 8.96 -7.16 6.99
HG3 MSE A 172 8.67 -7.18 5.43
HE1 MSE A 172 4.69 -6.90 5.04
HE2 MSE A 172 6.08 -6.59 4.35
HE3 MSE A 172 5.46 -5.57 5.39
N GLY A 173 11.40 -5.36 4.17
CA GLY A 173 11.92 -5.47 2.83
C GLY A 173 12.25 -6.88 2.39
N ARG A 174 13.07 -6.97 1.35
CA ARG A 174 13.31 -8.19 0.54
C ARG A 174 14.60 -8.86 1.03
N GLY A 175 15.31 -8.23 1.96
CA GLY A 175 16.56 -8.74 2.53
C GLY A 175 16.83 -8.12 3.88
N GLY A 176 17.78 -8.67 4.59
CA GLY A 176 18.32 -8.08 5.82
C GLY A 176 18.68 -9.17 6.79
N PRO A 177 19.27 -8.78 7.93
CA PRO A 177 19.63 -9.75 8.95
C PRO A 177 18.39 -10.21 9.73
N ARG A 178 18.54 -11.33 10.42
CA ARG A 178 17.42 -11.91 11.19
CA ARG A 178 17.48 -11.94 11.26
C ARG A 178 17.00 -10.90 12.28
N GLU A 179 17.94 -10.25 12.94
CA GLU A 179 17.58 -9.18 13.92
C GLU A 179 17.47 -7.89 13.13
N PRO A 180 16.38 -7.14 13.25
CA PRO A 180 16.25 -5.89 12.50
C PRO A 180 17.43 -4.92 12.79
N GLU A 181 17.86 -4.21 11.75
CA GLU A 181 19.01 -3.30 11.83
C GLU A 181 18.52 -1.86 11.77
N ILE A 182 19.21 -0.99 12.51
CA ILE A 182 18.88 0.45 12.56
C ILE A 182 19.81 1.16 11.58
N VAL A 183 19.24 1.91 10.67
CA VAL A 183 20.02 2.69 9.68
C VAL A 183 19.67 4.13 9.97
N GLU A 184 20.70 4.93 10.26
CA GLU A 184 20.52 6.34 10.65
C GLU A 184 20.48 7.22 9.41
N GLY A 185 19.37 7.18 8.68
CA GLY A 185 19.14 8.00 7.48
C GLY A 185 19.19 9.47 7.83
N ASN A 186 18.82 9.83 9.07
CA ASN A 186 18.89 11.21 9.64
C ASN A 186 20.33 11.76 9.60
N LYS A 187 21.35 10.91 9.57
CA LYS A 187 22.77 11.35 9.58
CA LYS A 187 22.78 11.31 9.57
C LYS A 187 23.33 11.34 8.15
N ILE A 188 22.55 10.94 7.14
CA ILE A 188 23.12 10.83 5.77
C ILE A 188 23.23 12.26 5.21
N GLU A 189 24.36 12.63 4.64
CA GLU A 189 24.50 13.94 3.97
C GLU A 189 24.36 13.74 2.45
N ILE A 190 23.37 14.39 1.85
CA ILE A 190 23.10 14.29 0.39
C ILE A 190 24.11 15.20 -0.32
N THR A 191 25.38 14.80 -0.29
CA THR A 191 26.49 15.40 -1.07
C THR A 191 27.29 14.27 -1.70
N ALA A 192 27.87 14.53 -2.88
CA ALA A 192 28.73 13.58 -3.63
C ALA A 192 29.85 13.08 -2.72
N GLU A 193 30.38 13.99 -1.90
CA GLU A 193 31.57 13.78 -1.04
CA GLU A 193 31.60 13.72 -1.09
C GLU A 193 31.24 12.71 0.03
N TYR A 194 30.15 12.93 0.77
CA TYR A 194 29.65 11.98 1.81
C TYR A 194 29.30 10.62 1.17
N LEU A 195 28.49 10.63 0.12
CA LEU A 195 27.91 9.37 -0.41
C LEU A 195 29.00 8.48 -1.02
N LEU A 196 30.03 9.03 -1.66
CA LEU A 196 30.94 8.16 -2.45
C LEU A 196 31.19 6.84 -1.68
N GLU A 197 31.53 6.94 -0.39
CA GLU A 197 31.84 5.84 0.55
C GLU A 197 30.68 4.83 0.62
N GLN A 198 29.53 5.30 1.11
CA GLN A 198 28.48 4.50 1.78
C GLN A 198 27.58 3.78 0.76
N ALA A 199 27.52 4.21 -0.49
CA ALA A 199 26.60 3.67 -1.52
C ALA A 199 27.09 2.30 -2.02
N ASP A 200 28.41 2.17 -2.20
CA ASP A 200 29.08 0.90 -2.64
C ASP A 200 28.68 -0.25 -1.70
N LYS A 201 28.75 -0.01 -0.39
CA LYS A 201 28.43 -1.04 0.65
CA LYS A 201 28.42 -1.00 0.67
C LYS A 201 26.92 -1.32 0.59
N GLY A 202 26.09 -0.29 0.41
CA GLY A 202 24.62 -0.44 0.24
C GLY A 202 24.29 -1.33 -0.94
N VAL A 203 24.93 -1.08 -2.09
CA VAL A 203 24.77 -1.88 -3.34
C VAL A 203 25.10 -3.35 -3.05
N HIS A 204 26.18 -3.63 -2.29
CA HIS A 204 26.74 -5.00 -2.08
C HIS A 204 26.12 -5.69 -0.86
N ALA A 205 25.43 -4.97 0.05
CA ALA A 205 24.71 -5.57 1.21
C ALA A 205 23.57 -6.46 0.70
N ALA A 206 23.21 -7.50 1.46
CA ALA A 206 22.13 -8.46 1.13
C ALA A 206 20.78 -7.84 1.54
N SER A 207 20.60 -6.53 1.29
CA SER A 207 19.37 -5.79 1.63
C SER A 207 19.33 -4.45 0.86
N ASP A 208 18.15 -3.80 0.88
CA ASP A 208 17.94 -2.43 0.35
C ASP A 208 17.78 -1.45 1.51
N HIS A 209 18.18 -1.82 2.72
CA HIS A 209 17.94 -0.95 3.91
C HIS A 209 18.71 0.36 3.78
N TRP A 210 19.93 0.31 3.25
CA TRP A 210 20.69 1.57 3.07
C TRP A 210 19.96 2.49 2.10
N GLU A 211 19.55 1.95 0.96
CA GLU A 211 18.80 2.75 -0.04
C GLU A 211 17.50 3.29 0.54
N ASP A 212 16.81 2.52 1.38
CA ASP A 212 15.59 3.02 2.08
C ASP A 212 15.93 4.27 2.89
N ALA A 213 16.99 4.22 3.68
CA ALA A 213 17.40 5.36 4.55
C ALA A 213 17.90 6.51 3.69
N LEU A 214 18.56 6.22 2.57
CA LEU A 214 19.05 7.27 1.66
C LEU A 214 17.89 8.08 1.07
N MSE A 215 16.77 7.43 0.78
CA MSE A 215 15.67 8.09 0.12
CA MSE A 215 15.62 8.05 0.13
C MSE A 215 14.80 8.83 1.13
O MSE A 215 14.32 9.92 0.82
CB MSE A 215 14.92 7.08 -0.74
CB MSE A 215 14.74 6.97 -0.52
CG MSE A 215 15.71 6.73 -2.00
CG MSE A 215 15.38 6.32 -1.72
SE MSE A 215 14.77 5.33 -3.00
SE MSE A 215 14.20 4.91 -2.45
CE MSE A 215 12.98 6.06 -3.40
CE MSE A 215 13.82 3.55 -1.09
H MSE A 215 16.69 6.44 1.02
HA MSE A 215 16.05 8.77 -0.48
HA MSE A 215 15.96 8.66 -0.57
HB2 MSE A 215 14.08 7.43 -0.99
HB2 MSE A 215 13.92 7.37 -0.79
HB3 MSE A 215 14.78 6.27 -0.24
HB3 MSE A 215 14.55 6.30 0.12
HG2 MSE A 215 16.60 6.42 -1.77
HG2 MSE A 215 16.24 5.91 -1.47
HG3 MSE A 215 15.80 7.53 -2.57
HG3 MSE A 215 15.54 6.99 -2.42
HE1 MSE A 215 12.52 5.47 -4.01
HE1 MSE A 215 13.52 2.74 -1.52
HE2 MSE A 215 13.06 6.95 -3.79
HE2 MSE A 215 13.14 3.88 -0.50
HE3 MSE A 215 12.46 6.12 -2.57
HE3 MSE A 215 14.63 3.37 -0.60
N SER A 216 14.62 8.27 2.33
CA SER A 216 13.79 8.90 3.34
C SER A 216 14.55 9.94 4.17
N ARG A 217 15.88 9.77 4.30
CA ARG A 217 16.76 10.56 5.19
C ARG A 217 16.21 10.58 6.61
N ILE A 218 15.65 9.47 7.08
CA ILE A 218 15.25 9.36 8.50
C ILE A 218 15.67 8.01 9.05
N LEU A 219 15.66 7.95 10.38
CA LEU A 219 15.96 6.75 11.19
C LEU A 219 15.08 5.60 10.64
N THR A 220 15.71 4.52 10.21
CA THR A 220 15.03 3.41 9.51
C THR A 220 15.28 2.13 10.30
N VAL A 221 14.24 1.36 10.59
CA VAL A 221 14.41 0.01 11.14
C VAL A 221 14.23 -0.95 9.95
N GLY A 222 15.31 -1.66 9.60
CA GLY A 222 15.38 -2.55 8.44
C GLY A 222 14.92 -3.95 8.81
N CYS A 223 13.74 -4.31 8.31
CA CYS A 223 13.09 -5.64 8.53
C CYS A 223 13.05 -6.41 7.21
N ARG A 224 12.59 -7.64 7.26
CA ARG A 224 12.54 -8.50 6.05
C ARG A 224 11.27 -9.37 6.11
N ARG A 225 10.86 -9.84 4.95
CA ARG A 225 9.79 -10.86 4.84
C ARG A 225 10.15 -11.74 3.66
N CYS A 226 9.59 -12.93 3.63
CA CYS A 226 9.74 -13.87 2.52
C CYS A 226 8.37 -14.05 1.85
N GLY A 227 8.18 -13.37 0.75
CA GLY A 227 6.94 -13.50 -0.04
C GLY A 227 5.81 -12.65 0.48
N GLY A 228 4.74 -12.66 -0.30
CA GLY A 228 3.51 -11.96 0.08
C GLY A 228 2.33 -12.70 -0.49
N GLY A 229 1.19 -12.59 0.17
CA GLY A 229 0.00 -13.33 -0.26
C GLY A 229 -0.79 -12.51 -1.26
N MSE A 230 -2.03 -12.95 -1.45
CA MSE A 230 -2.92 -12.26 -2.36
CA MSE A 230 -2.96 -12.29 -2.34
C MSE A 230 -3.57 -11.08 -1.64
O MSE A 230 -3.76 -10.03 -2.24
CB MSE A 230 -3.93 -13.27 -2.94
CB MSE A 230 -4.06 -13.28 -2.74
CG MSE A 230 -3.27 -14.49 -3.52
CG MSE A 230 -3.90 -13.87 -4.09
SE MSE A 230 -4.56 -15.74 -4.30
SE MSE A 230 -5.51 -14.91 -4.50
CE MSE A 230 -5.21 -14.50 -5.65
CE MSE A 230 -4.69 -16.21 -5.75
H MSE A 230 -2.35 -13.77 -0.95
HA MSE A 230 -2.38 -11.91 -3.10
HA MSE A 230 -2.47 -11.99 -3.14
HB2 MSE A 230 -4.44 -12.85 -3.62
HB2 MSE A 230 -4.90 -12.83 -2.72
HB3 MSE A 230 -4.53 -13.55 -2.25
HB3 MSE A 230 -4.10 -13.99 -2.11
HG2 MSE A 230 -2.76 -14.95 -2.81
HG2 MSE A 230 -3.10 -14.46 -4.12
HG3 MSE A 230 -2.63 -14.22 -4.21
HG3 MSE A 230 -3.77 -13.16 -4.77
HE1 MSE A 230 -6.03 -14.84 -6.04
HE1 MSE A 230 -5.36 -16.85 -6.02
HE2 MSE A 230 -4.55 -14.38 -6.34
HE2 MSE A 230 -3.97 -16.67 -5.29
HE3 MSE A 230 -5.39 -13.64 -5.23
HE3 MSE A 230 -4.34 -15.74 -6.51
N LEU A 231 -3.92 -11.29 -0.37
CA LEU A 231 -4.53 -10.29 0.49
C LEU A 231 -3.44 -9.33 0.94
N GLY A 232 -2.24 -9.85 1.20
CA GLY A 232 -1.09 -9.03 1.58
C GLY A 232 -0.38 -9.52 2.82
N ASP A 233 -0.66 -10.73 3.30
CA ASP A 233 0.08 -11.29 4.46
C ASP A 233 1.44 -11.81 3.97
N THR A 234 2.28 -12.26 4.89
CA THR A 234 3.58 -12.89 4.53
C THR A 234 3.77 -14.08 5.46
N PHE A 235 4.43 -15.09 4.97
CA PHE A 235 4.72 -16.36 5.69
C PHE A 235 5.51 -16.07 6.96
N ILE A 236 6.62 -15.36 6.84
CA ILE A 236 7.54 -15.12 7.98
C ILE A 236 8.21 -13.74 7.84
N THR A 237 8.26 -13.01 8.94
CA THR A 237 8.80 -11.64 8.98
C THR A 237 9.29 -11.31 10.39
N ASN A 238 10.30 -10.46 10.48
CA ASN A 238 10.82 -9.95 11.78
C ASN A 238 10.23 -8.57 12.07
N VAL A 239 9.18 -8.16 11.37
CA VAL A 239 8.71 -6.75 11.48
C VAL A 239 8.11 -6.48 12.88
N LYS A 240 7.60 -7.47 13.59
CA LYS A 240 7.04 -7.29 14.94
C LYS A 240 8.18 -6.82 15.85
N ARG A 241 9.32 -7.48 15.80
CA ARG A 241 10.53 -7.02 16.51
C ARG A 241 10.95 -5.62 16.02
N GLY A 242 10.86 -5.35 14.71
CA GLY A 242 11.21 -4.01 14.17
C GLY A 242 10.34 -2.93 14.78
N ALA A 243 9.04 -3.20 14.92
CA ALA A 243 8.11 -2.26 15.57
C ALA A 243 8.51 -2.05 17.05
N GLU A 244 8.90 -3.10 17.75
CA GLU A 244 9.25 -3.01 19.19
C GLU A 244 10.51 -2.14 19.32
N ILE A 245 11.44 -2.27 18.38
CA ILE A 245 12.63 -1.38 18.33
C ILE A 245 12.17 0.08 18.10
N ALA A 246 11.20 0.31 17.24
CA ALA A 246 10.77 1.67 16.87
C ALA A 246 10.24 2.33 18.15
N ASN A 247 9.61 1.56 19.02
CA ASN A 247 9.02 2.11 20.26
C ASN A 247 10.12 2.70 21.15
N LYS A 248 11.34 2.23 21.04
CA LYS A 248 12.47 2.59 21.93
CA LYS A 248 12.45 2.61 21.95
C LYS A 248 13.32 3.70 21.29
N LEU A 249 13.11 4.00 20.01
CA LEU A 249 13.96 5.00 19.32
C LEU A 249 13.53 6.40 19.73
N ASP A 250 14.44 7.38 19.53
CA ASP A 250 14.15 8.83 19.62
CA ASP A 250 14.14 8.83 19.62
C ASP A 250 13.36 9.22 18.37
N SER A 251 12.07 8.90 18.37
CA SER A 251 11.11 9.23 17.29
CA SER A 251 11.11 9.24 17.28
C SER A 251 9.74 9.38 17.92
N ASP A 252 8.90 10.23 17.36
CA ASP A 252 7.57 10.49 17.96
C ASP A 252 6.49 9.86 17.10
N PHE A 253 6.85 9.35 15.92
CA PHE A 253 5.86 8.96 14.88
C PHE A 253 6.40 7.79 14.07
N VAL A 254 5.58 6.78 13.79
CA VAL A 254 6.12 5.57 13.09
C VAL A 254 5.39 5.40 11.76
N ILE A 255 6.18 5.20 10.71
CA ILE A 255 5.71 4.87 9.35
C ILE A 255 6.10 3.43 9.07
N MSE A 256 5.10 2.58 8.83
CA MSE A 256 5.31 1.18 8.49
CA MSE A 256 5.34 1.18 8.47
C MSE A 256 5.21 1.02 6.97
O MSE A 256 4.22 1.45 6.39
CB MSE A 256 4.25 0.31 9.19
CB MSE A 256 4.30 0.25 9.07
CG MSE A 256 4.11 0.51 10.70
CG MSE A 256 3.79 0.70 10.39
SE MSE A 256 5.62 -0.18 11.71
SE MSE A 256 3.99 -0.88 11.47
CE MSE A 256 5.70 -2.00 10.94
CE MSE A 256 5.88 -1.11 11.94
H MSE A 256 4.16 2.92 8.88
HA MSE A 256 6.21 0.91 8.79
HA MSE A 256 6.24 0.92 8.75
HB2 MSE A 256 4.47 -0.61 9.04
HB2 MSE A 256 4.68 -0.61 9.18
HB3 MSE A 256 3.41 0.48 8.79
HB3 MSE A 256 3.56 0.18 8.48
HG2 MSE A 256 3.29 0.06 11.00
HG2 MSE A 256 2.86 0.96 10.34
HG3 MSE A 256 4.02 1.47 10.89
HG3 MSE A 256 4.32 1.43 10.76
HE1 MSE A 256 6.14 -2.59 11.56
HE1 MSE A 256 5.95 -1.72 12.70
HE2 MSE A 256 6.20 -1.96 10.10
HE2 MSE A 256 6.26 -0.25 12.19
HE3 MSE A 256 4.80 -2.31 10.76
HE3 MSE A 256 6.37 -1.47 11.19
N GLU A 257 6.19 0.39 6.36
CA GLU A 257 6.20 0.13 4.93
C GLU A 257 6.46 -1.34 4.67
N GLY A 258 5.92 -1.92 3.60
CA GLY A 258 6.28 -3.29 3.18
C GLY A 258 6.64 -3.42 1.70
N SER A 259 7.61 -4.28 1.40
CA SER A 259 7.99 -4.60 0.00
C SER A 259 6.86 -5.37 -0.71
N GLY A 260 6.65 -5.02 -1.99
CA GLY A 260 5.74 -5.78 -2.87
C GLY A 260 4.31 -5.56 -2.43
N ALA A 261 3.52 -6.63 -2.33
CA ALA A 261 2.13 -6.55 -1.84
C ALA A 261 2.11 -6.81 -0.33
N ALA A 262 3.22 -7.23 0.29
CA ALA A 262 3.20 -7.70 1.70
C ALA A 262 2.89 -6.48 2.57
N ILE A 263 1.75 -6.52 3.28
CA ILE A 263 1.30 -5.46 4.24
C ILE A 263 1.91 -5.75 5.60
N PRO A 264 2.64 -4.81 6.23
CA PRO A 264 3.18 -5.06 7.57
C PRO A 264 2.08 -5.49 8.54
N PRO A 265 2.20 -6.67 9.19
CA PRO A 265 1.15 -7.18 10.09
C PRO A 265 1.13 -6.52 11.48
N VAL A 266 1.34 -5.21 11.50
CA VAL A 266 1.37 -4.38 12.74
C VAL A 266 0.24 -3.36 12.58
N LYS A 267 -0.63 -3.30 13.59
CA LYS A 267 -1.73 -2.32 13.70
C LYS A 267 -1.16 -0.90 13.69
N THR A 268 -1.73 -0.05 12.84
CA THR A 268 -1.39 1.39 12.72
C THR A 268 -2.68 2.18 12.89
N ASN A 269 -2.58 3.50 13.08
CA ASN A 269 -3.77 4.38 13.25
C ASN A 269 -4.42 4.65 11.89
N ARG A 270 -3.64 4.97 10.86
CA ARG A 270 -4.18 5.42 9.56
C ARG A 270 -3.35 4.76 8.45
N GLN A 271 -3.90 4.74 7.25
CA GLN A 271 -3.24 4.08 6.10
C GLN A 271 -3.24 5.00 4.90
N ILE A 272 -2.13 4.97 4.17
CA ILE A 272 -2.02 5.55 2.81
C ILE A 272 -1.90 4.39 1.83
N VAL A 273 -2.70 4.43 0.78
CA VAL A 273 -2.66 3.42 -0.31
C VAL A 273 -2.25 4.11 -1.62
N THR A 274 -1.25 3.55 -2.28
CA THR A 274 -0.79 3.92 -3.63
C THR A 274 -1.49 3.01 -4.62
N VAL A 275 -2.09 3.60 -5.64
CA VAL A 275 -2.73 2.88 -6.79
C VAL A 275 -2.14 3.45 -8.08
N GLY A 276 -1.70 2.60 -8.98
CA GLY A 276 -1.15 3.00 -10.29
C GLY A 276 -2.23 3.10 -11.35
N ALA A 277 -2.34 4.26 -12.02
CA ALA A 277 -3.31 4.44 -13.13
C ALA A 277 -2.90 3.50 -14.27
N ASN A 278 -1.66 3.04 -14.24
CA ASN A 278 -1.07 2.15 -15.26
C ASN A 278 -1.47 0.68 -15.01
N GLN A 279 -2.05 0.33 -13.87
CA GLN A 279 -2.33 -1.09 -13.55
C GLN A 279 -3.43 -1.62 -14.48
N PRO A 280 -3.36 -2.90 -14.87
CA PRO A 280 -4.55 -3.57 -15.41
C PRO A 280 -5.68 -3.26 -14.47
N MSE A 281 -6.80 -2.80 -15.04
CA MSE A 281 -7.98 -2.48 -14.26
C MSE A 281 -8.41 -3.64 -13.36
O MSE A 281 -8.92 -3.37 -12.28
CB MSE A 281 -9.15 -2.12 -15.20
CG MSE A 281 -10.28 -1.40 -14.53
SE MSE A 281 -9.75 0.42 -13.85
CE MSE A 281 -10.60 0.47 -12.15
H MSE A 281 -6.83 -2.69 -16.03
HA MSE A 281 -7.78 -1.70 -13.70
HB2 MSE A 281 -9.50 -2.92 -15.59
HB3 MSE A 281 -8.82 -1.56 -15.91
HG2 MSE A 281 -10.61 -1.93 -13.77
HG3 MSE A 281 -11.03 -1.29 -15.16
HE1 MSE A 281 -10.40 1.31 -11.73
HE2 MSE A 281 -10.26 -0.25 -11.60
HE3 MSE A 281 -11.56 0.37 -12.27
N ILE A 282 -8.30 -4.89 -13.80
CA ILE A 282 -8.73 -6.04 -13.01
CA ILE A 282 -8.80 -5.98 -12.96
C ILE A 282 -7.99 -6.08 -11.65
N ASN A 283 -6.78 -5.52 -11.58
CA ASN A 283 -6.00 -5.59 -10.32
C ASN A 283 -6.43 -4.54 -9.35
N ILE A 284 -7.22 -3.58 -9.82
CA ILE A 284 -7.80 -2.51 -9.01
C ILE A 284 -9.21 -2.87 -8.60
N ASN A 285 -10.06 -3.31 -9.55
CA ASN A 285 -11.52 -3.41 -9.31
C ASN A 285 -11.91 -4.87 -9.07
N ASN A 286 -10.95 -5.78 -9.05
CA ASN A 286 -11.21 -7.22 -8.80
C ASN A 286 -10.15 -7.78 -7.86
N PHE A 287 -10.27 -9.06 -7.58
CA PHE A 287 -9.39 -9.77 -6.63
C PHE A 287 -9.35 -8.97 -5.33
N PHE A 288 -8.17 -8.65 -4.78
CA PHE A 288 -8.09 -7.95 -3.47
C PHE A 288 -7.68 -6.49 -3.72
N GLY A 289 -7.78 -6.01 -4.96
CA GLY A 289 -7.66 -4.54 -5.19
C GLY A 289 -8.58 -3.75 -4.29
N PRO A 290 -9.90 -4.06 -4.29
CA PRO A 290 -10.86 -3.29 -3.50
C PRO A 290 -10.62 -3.37 -2.00
N PHE A 291 -10.22 -4.53 -1.51
CA PHE A 291 -9.80 -4.71 -0.10
C PHE A 291 -8.72 -3.69 0.26
N ARG A 292 -7.63 -3.63 -0.52
CA ARG A 292 -6.48 -2.72 -0.26
CA ARG A 292 -6.48 -2.72 -0.26
C ARG A 292 -6.94 -1.26 -0.29
N ILE A 293 -7.70 -0.89 -1.32
CA ILE A 293 -8.21 0.49 -1.45
C ILE A 293 -9.09 0.81 -0.24
N GLY A 294 -9.84 -0.17 0.25
CA GLY A 294 -10.77 -0.03 1.40
C GLY A 294 -10.03 0.25 2.69
N LEU A 295 -8.74 -0.05 2.76
CA LEU A 295 -7.92 0.27 3.95
C LEU A 295 -7.56 1.77 4.01
N ALA A 296 -7.70 2.51 2.91
CA ALA A 296 -7.09 3.85 2.80
C ALA A 296 -7.86 4.92 3.59
N ASP A 297 -7.12 5.80 4.25
CA ASP A 297 -7.53 7.18 4.63
C ASP A 297 -7.19 8.17 3.50
N LEU A 298 -6.11 7.89 2.76
CA LEU A 298 -5.64 8.69 1.62
C LEU A 298 -5.19 7.72 0.53
N VAL A 299 -5.70 7.92 -0.67
CA VAL A 299 -5.22 7.20 -1.86
C VAL A 299 -4.41 8.19 -2.68
N ILE A 300 -3.19 7.80 -3.00
CA ILE A 300 -2.38 8.49 -4.04
CA ILE A 300 -2.37 8.48 -4.03
C ILE A 300 -2.43 7.65 -5.31
N ILE A 301 -3.01 8.20 -6.36
CA ILE A 301 -2.97 7.57 -7.70
C ILE A 301 -1.73 8.08 -8.41
N THR A 302 -0.95 7.17 -8.98
CA THR A 302 0.33 7.45 -9.63
C THR A 302 0.22 7.23 -11.12
N MSE A 303 1.15 7.85 -11.86
CA MSE A 303 1.34 7.64 -13.30
CA MSE A 303 1.30 7.59 -13.29
C MSE A 303 0.09 8.09 -14.06
O MSE A 303 -0.26 7.52 -15.10
CB MSE A 303 1.67 6.19 -13.60
CB MSE A 303 1.43 6.09 -13.59
CG MSE A 303 2.53 5.51 -12.55
CG MSE A 303 2.33 5.31 -12.68
SE MSE A 303 3.80 4.29 -13.37
SE MSE A 303 4.12 5.79 -13.17
CE MSE A 303 5.41 4.27 -12.23
CE MSE A 303 5.38 4.49 -12.39
H MSE A 303 1.78 8.50 -11.41
HA MSE A 303 2.09 8.20 -13.59
HA MSE A 303 2.11 8.06 -13.62
HB2 MSE A 303 2.14 6.14 -14.43
HB2 MSE A 303 1.76 5.99 -14.49
HB3 MSE A 303 0.87 5.69 -13.69
HB3 MSE A 303 0.56 5.70 -13.56
HG2 MSE A 303 1.96 5.01 -11.93
HG2 MSE A 303 2.19 4.34 -12.80
HG3 MSE A 303 3.01 6.19 -12.03
HG3 MSE A 303 2.16 5.53 -11.73
HE1 MSE A 303 6.12 3.79 -12.68
HE1 MSE A 303 6.29 4.75 -12.63
HE2 MSE A 303 5.20 3.82 -11.39
HE2 MSE A 303 5.19 3.61 -12.73
HE3 MSE A 303 5.68 5.18 -12.04
HE3 MSE A 303 5.29 4.49 -11.43
N CYS A 304 -0.53 9.16 -13.58
CA CYS A 304 -1.73 9.71 -14.21
C CYS A 304 -1.41 10.59 -15.43
N GLU A 305 -0.83 10.01 -16.46
CA GLU A 305 -0.56 10.71 -17.75
C GLU A 305 -0.18 9.68 -18.79
N GLU A 306 -0.29 10.08 -20.06
CA GLU A 306 0.18 9.27 -21.21
C GLU A 306 1.68 9.15 -21.09
N PRO A 307 2.32 8.06 -21.57
CA PRO A 307 1.62 6.93 -22.17
C PRO A 307 1.09 5.87 -21.19
N MSE A 308 1.32 6.03 -19.89
CA MSE A 308 0.93 5.03 -18.90
C MSE A 308 -0.58 4.88 -18.79
O MSE A 308 -1.09 3.77 -18.63
CB MSE A 308 1.54 5.37 -17.52
CG MSE A 308 3.03 5.11 -17.42
SE MSE A 308 3.96 6.69 -18.12
CE MSE A 308 3.37 8.19 -17.02
H MSE A 308 1.75 6.88 -19.57
HA MSE A 308 1.31 4.16 -19.18
HB2 MSE A 308 1.09 4.86 -16.86
HB3 MSE A 308 1.37 6.29 -17.34
HG2 MSE A 308 3.27 4.32 -17.93
HG3 MSE A 308 3.28 4.97 -16.47
HE1 MSE A 308 3.82 8.99 -17.30
HE2 MSE A 308 3.58 8.00 -16.09
HE3 MSE A 308 2.41 8.30 -17.12
N ALA A 309 -1.33 5.99 -18.88
CA ALA A 309 -2.77 6.00 -18.71
C ALA A 309 -3.42 7.12 -19.53
N THR A 310 -4.52 6.79 -20.20
CA THR A 310 -5.43 7.78 -20.84
C THR A 310 -6.23 8.54 -19.79
N THR A 311 -6.76 9.69 -20.17
CA THR A 311 -7.74 10.45 -19.35
C THR A 311 -8.90 9.53 -18.93
N GLU A 312 -9.39 8.69 -19.83
CA GLU A 312 -10.56 7.82 -19.56
CA GLU A 312 -10.55 7.80 -19.56
C GLU A 312 -10.14 6.78 -18.49
N LYS A 313 -8.93 6.23 -18.60
CA LYS A 313 -8.42 5.25 -17.59
C LYS A 313 -8.33 5.94 -16.25
N ILE A 314 -7.75 7.14 -16.21
CA ILE A 314 -7.57 7.90 -14.94
C ILE A 314 -8.93 8.17 -14.28
N LYS A 315 -9.94 8.56 -15.06
CA LYS A 315 -11.26 8.89 -14.46
C LYS A 315 -11.97 7.62 -13.96
N LYS A 316 -11.85 6.52 -14.69
CA LYS A 316 -12.43 5.21 -14.26
C LYS A 316 -11.80 4.80 -12.91
N VAL A 317 -10.49 4.98 -12.76
CA VAL A 317 -9.80 4.63 -11.48
C VAL A 317 -10.30 5.56 -10.38
N GLU A 318 -10.38 6.86 -10.64
CA GLU A 318 -10.86 7.81 -9.62
C GLU A 318 -12.29 7.44 -9.23
N LYS A 319 -13.13 7.22 -10.23
CA LYS A 319 -14.54 6.80 -10.04
C LYS A 319 -14.59 5.54 -9.16
N PHE A 320 -13.85 4.50 -9.54
CA PHE A 320 -13.89 3.22 -8.78
C PHE A 320 -13.52 3.49 -7.32
N ILE A 321 -12.47 4.27 -7.05
CA ILE A 321 -12.00 4.51 -5.65
C ILE A 321 -13.10 5.25 -4.85
N LYS A 322 -13.72 6.28 -5.42
CA LYS A 322 -14.87 7.00 -4.78
C LYS A 322 -16.03 6.05 -4.48
N GLU A 323 -16.31 5.07 -5.36
CA GLU A 323 -17.44 4.13 -5.16
CA GLU A 323 -17.42 4.08 -5.21
C GLU A 323 -17.14 3.18 -4.00
N ILE A 324 -15.91 2.67 -3.89
CA ILE A 324 -15.64 1.67 -2.82
C ILE A 324 -15.16 2.34 -1.54
N ASN A 325 -14.57 3.52 -1.58
CA ASN A 325 -14.02 4.16 -0.35
C ASN A 325 -14.30 5.66 -0.44
N PRO A 326 -15.59 6.06 -0.36
CA PRO A 326 -15.96 7.47 -0.55
C PRO A 326 -15.39 8.40 0.53
N SER A 327 -15.09 7.89 1.71
CA SER A 327 -14.53 8.71 2.82
C SER A 327 -13.03 8.98 2.59
N ALA A 328 -12.30 8.21 1.76
CA ALA A 328 -10.86 8.42 1.56
C ALA A 328 -10.66 9.74 0.82
N ASN A 329 -9.65 10.52 1.19
CA ASN A 329 -9.12 11.59 0.31
C ASN A 329 -8.36 10.90 -0.81
N VAL A 330 -8.40 11.48 -2.01
CA VAL A 330 -7.80 10.92 -3.24
C VAL A 330 -7.00 12.02 -3.93
N ILE A 331 -5.75 11.76 -4.29
CA ILE A 331 -4.87 12.70 -5.05
C ILE A 331 -4.26 11.97 -6.24
N PRO A 332 -4.60 12.39 -7.48
CA PRO A 332 -3.94 11.89 -8.67
C PRO A 332 -2.62 12.62 -8.91
N THR A 333 -1.59 11.89 -9.36
CA THR A 333 -0.21 12.40 -9.44
C THR A 333 0.47 11.90 -10.69
N VAL A 334 1.56 12.57 -11.02
CA VAL A 334 2.60 12.11 -11.97
C VAL A 334 3.92 12.21 -11.23
N PHE A 335 4.94 11.52 -11.70
CA PHE A 335 6.28 11.57 -11.09
C PHE A 335 7.10 12.65 -11.83
N ARG A 336 7.77 13.48 -11.07
CA ARG A 336 8.68 14.53 -11.63
C ARG A 336 9.88 14.65 -10.73
N PRO A 337 11.03 15.11 -11.30
CA PRO A 337 12.25 15.29 -10.54
C PRO A 337 12.15 16.53 -9.65
N LYS A 338 12.65 16.42 -8.43
CA LYS A 338 12.82 17.57 -7.54
C LYS A 338 14.29 17.61 -7.13
N PRO A 339 15.07 18.60 -7.61
CA PRO A 339 16.47 18.74 -7.23
C PRO A 339 16.63 18.98 -5.73
N VAL A 340 17.67 18.39 -5.16
N VAL A 340 17.73 18.47 -5.18
CA VAL A 340 18.04 18.63 -3.73
CA VAL A 340 18.02 18.57 -3.72
C VAL A 340 19.14 19.69 -3.75
C VAL A 340 18.72 19.90 -3.46
N GLY A 341 18.73 20.94 -3.75
N GLY A 341 19.43 20.42 -4.47
CA GLY A 341 19.63 22.09 -3.90
CA GLY A 341 20.12 21.71 -4.43
C GLY A 341 19.22 22.91 -5.10
C GLY A 341 19.59 22.67 -5.48
N ASN A 342 20.01 23.94 -5.43
CA ASN A 342 19.59 24.99 -6.38
C ASN A 342 20.14 24.70 -7.77
N VAL A 343 19.32 24.79 -8.81
CA VAL A 343 19.77 24.64 -10.22
C VAL A 343 19.36 25.87 -11.03
N GLU A 344 18.77 26.88 -10.37
CA GLU A 344 18.26 28.09 -11.03
C GLU A 344 19.43 28.76 -11.76
N GLY A 345 19.32 28.91 -13.06
CA GLY A 345 20.32 29.60 -13.90
C GLY A 345 21.47 28.70 -14.29
N LYS A 346 21.47 27.42 -13.91
CA LYS A 346 22.62 26.52 -14.15
C LYS A 346 22.39 25.75 -15.42
N LYS A 347 23.47 25.40 -16.10
CA LYS A 347 23.42 24.52 -17.28
C LYS A 347 23.57 23.08 -16.77
N VAL A 348 22.59 22.24 -17.10
CA VAL A 348 22.41 20.90 -16.45
C VAL A 348 22.55 19.79 -17.49
N LEU A 349 23.37 18.79 -17.16
CA LEU A 349 23.34 17.46 -17.80
C LEU A 349 22.45 16.59 -16.93
N PHE A 350 21.30 16.19 -17.44
CA PHE A 350 20.28 15.42 -16.71
C PHE A 350 20.57 13.93 -16.93
N ALA A 351 21.07 13.29 -15.87
CA ALA A 351 21.38 11.84 -15.82
C ALA A 351 20.12 11.12 -15.36
N THR A 352 19.39 10.50 -16.29
CA THR A 352 18.09 9.84 -16.00
C THR A 352 17.94 8.59 -16.86
N THR A 353 17.40 7.51 -16.29
CA THR A 353 17.07 6.22 -16.97
C THR A 353 15.60 6.23 -17.42
N ALA A 354 14.95 7.39 -17.48
CA ALA A 354 13.53 7.52 -17.85
C ALA A 354 13.36 7.24 -19.35
N PRO A 355 12.20 6.67 -19.77
CA PRO A 355 11.97 6.38 -21.19
C PRO A 355 11.99 7.66 -22.05
N LYS A 356 12.59 7.58 -23.25
CA LYS A 356 12.71 8.68 -24.25
C LYS A 356 11.40 9.46 -24.34
N VAL A 357 10.27 8.73 -24.37
CA VAL A 357 8.91 9.30 -24.61
C VAL A 357 8.48 10.24 -23.47
N VAL A 358 9.06 10.13 -22.25
CA VAL A 358 8.72 11.06 -21.12
C VAL A 358 9.86 12.03 -20.79
N VAL A 359 11.08 11.84 -21.30
CA VAL A 359 12.25 12.72 -21.01
C VAL A 359 11.89 14.18 -21.35
N GLY A 360 11.26 14.41 -22.50
CA GLY A 360 10.84 15.75 -22.95
C GLY A 360 10.02 16.46 -21.89
N LYS A 361 9.02 15.79 -21.32
CA LYS A 361 8.15 16.32 -20.24
C LYS A 361 9.00 16.69 -19.01
N LEU A 362 9.90 15.80 -18.62
CA LEU A 362 10.75 16.00 -17.40
C LEU A 362 11.68 17.22 -17.65
N VAL A 363 12.27 17.30 -18.84
CA VAL A 363 13.18 18.43 -19.19
C VAL A 363 12.37 19.72 -19.12
N ASN A 364 11.20 19.78 -19.77
CA ASN A 364 10.34 20.99 -19.77
C ASN A 364 9.94 21.30 -18.34
N TYR A 365 9.68 20.28 -17.52
CA TYR A 365 9.30 20.53 -16.11
C TYR A 365 10.48 21.15 -15.36
N LEU A 366 11.69 20.62 -15.50
CA LEU A 366 12.88 21.16 -14.79
C LEU A 366 13.10 22.63 -15.21
N GLU A 367 13.03 22.91 -16.50
CA GLU A 367 13.33 24.27 -17.02
C GLU A 367 12.25 25.25 -16.57
N SER A 368 10.99 24.82 -16.55
CA SER A 368 9.85 25.74 -16.32
C SER A 368 9.72 25.95 -14.81
N LYS A 369 10.00 24.94 -14.00
CA LYS A 369 9.77 24.99 -12.53
C LYS A 369 11.02 25.47 -11.78
N TYR A 370 12.21 25.05 -12.19
CA TYR A 370 13.45 25.25 -11.37
C TYR A 370 14.45 26.19 -12.06
N GLY A 371 14.18 26.55 -13.31
CA GLY A 371 14.85 27.67 -13.99
C GLY A 371 16.22 27.30 -14.46
N CYS A 372 16.48 26.01 -14.71
CA CYS A 372 17.75 25.55 -15.30
C CYS A 372 17.65 25.47 -16.82
N ASP A 373 18.80 25.33 -17.45
CA ASP A 373 18.92 24.99 -18.88
C ASP A 373 19.45 23.56 -18.98
N VAL A 374 18.63 22.63 -19.44
CA VAL A 374 19.10 21.24 -19.66
C VAL A 374 19.79 21.20 -21.02
N VAL A 375 21.10 20.97 -21.00
CA VAL A 375 21.96 21.03 -22.21
C VAL A 375 22.15 19.62 -22.76
N GLY A 376 21.74 18.60 -22.01
CA GLY A 376 21.95 17.19 -22.40
C GLY A 376 21.28 16.21 -21.46
N VAL A 377 20.98 15.02 -21.98
CA VAL A 377 20.39 13.90 -21.20
C VAL A 377 21.30 12.69 -21.45
N THR A 378 21.66 11.97 -20.38
CA THR A 378 22.41 10.71 -20.45
C THR A 378 21.61 9.66 -19.68
N PRO A 379 21.34 8.51 -20.32
CA PRO A 379 20.70 7.37 -19.64
C PRO A 379 21.72 6.38 -19.03
N HIS A 380 23.01 6.67 -19.18
CA HIS A 380 24.15 5.76 -18.87
C HIS A 380 24.60 5.91 -17.40
N LEU A 381 23.76 5.48 -16.46
CA LEU A 381 24.00 5.64 -15.01
C LEU A 381 24.69 4.42 -14.41
N SER A 382 24.57 3.24 -15.05
CA SER A 382 25.13 1.95 -14.55
C SER A 382 26.45 1.60 -15.25
N ASN A 383 26.78 2.19 -16.41
CA ASN A 383 28.03 1.86 -17.14
C ASN A 383 28.97 3.07 -17.14
N ARG A 384 30.16 2.91 -16.56
CA ARG A 384 31.19 3.97 -16.37
C ARG A 384 31.74 4.42 -17.72
N PRO A 385 32.15 3.49 -18.63
CA PRO A 385 32.73 3.88 -19.91
C PRO A 385 31.76 4.69 -20.79
N LEU A 386 30.50 4.26 -20.87
CA LEU A 386 29.45 4.96 -21.66
C LEU A 386 29.14 6.33 -21.03
N LEU A 387 29.10 6.43 -19.69
CA LEU A 387 28.87 7.75 -19.05
C LEU A 387 30.08 8.64 -19.31
N ARG A 388 31.29 8.10 -19.18
CA ARG A 388 32.55 8.85 -19.48
C ARG A 388 32.45 9.46 -20.88
N ARG A 389 32.06 8.64 -21.86
N ARG A 389 32.07 8.63 -21.86
CA ARG A 389 31.93 9.04 -23.29
CA ARG A 389 31.92 9.03 -23.29
C ARG A 389 30.91 10.18 -23.38
C ARG A 389 30.91 10.19 -23.39
N ASP A 390 29.75 10.03 -22.74
CA ASP A 390 28.69 11.08 -22.68
C ASP A 390 29.29 12.37 -22.08
N LEU A 391 29.98 12.29 -20.95
CA LEU A 391 30.58 13.47 -20.27
C LEU A 391 31.52 14.20 -21.24
N LYS A 392 32.27 13.47 -22.08
CA LYS A 392 33.21 14.10 -23.05
C LYS A 392 32.44 15.07 -23.93
N LYS A 393 31.20 14.76 -24.30
CA LYS A 393 30.34 15.64 -25.14
C LYS A 393 29.96 16.90 -24.38
N TYR A 394 29.80 16.81 -23.05
CA TYR A 394 29.12 17.87 -22.24
C TYR A 394 30.08 18.56 -21.25
N ILE A 395 31.29 18.05 -21.08
CA ILE A 395 32.22 18.50 -19.99
C ILE A 395 32.55 19.99 -20.15
N ASN A 396 32.28 20.60 -21.31
CA ASN A 396 32.54 22.05 -21.52
C ASN A 396 31.22 22.83 -21.68
N LYS A 397 30.06 22.18 -21.70
CA LYS A 397 28.74 22.83 -21.92
C LYS A 397 27.86 22.82 -20.64
N ALA A 398 28.24 22.10 -19.59
CA ALA A 398 27.38 21.86 -18.41
C ALA A 398 28.07 22.39 -17.15
N ASP A 399 27.31 23.05 -16.28
CA ASP A 399 27.76 23.44 -14.92
C ASP A 399 27.67 22.26 -13.94
N LEU A 400 26.67 21.39 -14.08
CA LEU A 400 26.49 20.26 -13.12
C LEU A 400 25.78 19.12 -13.81
N MSE A 401 25.90 17.96 -13.17
CA MSE A 401 25.07 16.82 -13.51
C MSE A 401 24.02 16.64 -12.42
O MSE A 401 24.35 16.55 -11.23
CB MSE A 401 25.92 15.56 -13.66
CG MSE A 401 25.19 14.46 -14.38
SE MSE A 401 26.27 12.81 -14.38
CE MSE A 401 26.18 12.42 -12.52
H MSE A 401 26.58 17.86 -12.43
HA MSE A 401 24.63 17.00 -14.36
HB2 MSE A 401 26.18 15.25 -12.80
HB3 MSE A 401 26.71 15.78 -14.15
HG2 MSE A 401 25.02 14.74 -15.30
HG3 MSE A 401 24.33 14.29 -13.93
HE1 MSE A 401 26.95 11.88 -12.27
HE2 MSE A 401 25.37 11.93 -12.33
HE3 MSE A 401 26.18 13.25 -12.00
N LEU A 402 22.77 16.63 -12.86
CA LEU A 402 21.60 16.39 -12.02
C LEU A 402 21.24 14.91 -12.13
N THR A 403 21.33 14.17 -11.02
CA THR A 403 21.23 12.69 -10.98
C THR A 403 20.20 12.27 -9.94
N GLU A 404 19.37 11.27 -10.26
CA GLU A 404 18.43 10.65 -9.29
C GLU A 404 19.23 10.07 -8.12
N LEU A 405 18.76 10.28 -6.89
CA LEU A 405 19.41 9.79 -5.67
C LEU A 405 18.97 8.33 -5.42
N LYS A 406 19.81 7.39 -5.84
CA LYS A 406 19.67 5.91 -5.67
C LYS A 406 21.05 5.35 -5.39
N ALA A 407 21.16 4.22 -4.69
CA ALA A 407 22.49 3.64 -4.33
C ALA A 407 23.31 3.47 -5.63
N ALA A 408 22.68 2.98 -6.69
CA ALA A 408 23.32 2.73 -8.01
C ALA A 408 23.91 4.02 -8.61
N ALA A 409 23.28 5.18 -8.37
CA ALA A 409 23.70 6.50 -8.93
C ALA A 409 25.01 6.99 -8.30
N VAL A 410 25.23 6.68 -7.03
CA VAL A 410 26.41 7.14 -6.26
C VAL A 410 27.65 6.38 -6.72
N ASP A 411 27.56 5.05 -6.73
CA ASP A 411 28.70 4.12 -7.01
CA ASP A 411 28.79 4.23 -6.95
C ASP A 411 29.26 4.39 -8.41
N VAL A 412 28.39 4.67 -9.38
CA VAL A 412 28.80 4.85 -10.80
C VAL A 412 28.74 6.33 -11.18
N ALA A 413 27.54 6.91 -11.32
CA ALA A 413 27.34 8.25 -11.94
C ALA A 413 28.12 9.31 -11.14
N THR A 414 28.00 9.34 -9.81
CA THR A 414 28.66 10.36 -8.99
C THR A 414 30.19 10.29 -9.17
N ARG A 415 30.73 9.10 -9.01
CA ARG A 415 32.19 8.84 -9.11
C ARG A 415 32.67 9.39 -10.46
N VAL A 416 32.03 9.03 -11.57
CA VAL A 416 32.57 9.45 -12.89
C VAL A 416 32.42 10.96 -13.03
N ALA A 417 31.32 11.57 -12.58
CA ALA A 417 31.16 13.05 -12.61
C ALA A 417 32.28 13.70 -11.79
N ILE A 418 32.54 13.24 -10.56
CA ILE A 418 33.58 13.87 -9.68
C ILE A 418 34.96 13.63 -10.32
N GLU A 419 35.20 12.46 -10.92
CA GLU A 419 36.43 12.12 -11.67
C GLU A 419 36.63 13.06 -12.87
N ALA A 420 35.54 13.42 -13.57
CA ALA A 420 35.55 14.31 -14.75
C ALA A 420 35.65 15.77 -14.29
N GLY A 421 35.50 16.01 -12.99
CA GLY A 421 35.44 17.35 -12.38
C GLY A 421 34.17 18.09 -12.74
N LEU A 422 33.01 17.43 -12.70
CA LEU A 422 31.68 18.06 -12.94
C LEU A 422 30.90 18.00 -11.62
N ASP A 423 30.39 19.15 -11.15
CA ASP A 423 29.52 19.28 -9.95
C ASP A 423 28.31 18.33 -10.07
N VAL A 424 27.87 17.83 -8.92
CA VAL A 424 26.73 16.86 -8.86
C VAL A 424 25.68 17.47 -7.94
N VAL A 425 24.45 17.54 -8.45
CA VAL A 425 23.24 17.86 -7.66
C VAL A 425 22.34 16.64 -7.76
N TYR A 426 21.90 16.11 -6.62
CA TYR A 426 20.94 14.99 -6.62
C TYR A 426 19.51 15.48 -6.80
N CYS A 427 18.69 14.56 -7.29
CA CYS A 427 17.25 14.70 -7.63
CA CYS A 427 17.23 14.81 -7.40
C CYS A 427 16.48 13.57 -6.93
N ASP A 428 15.33 13.85 -6.34
CA ASP A 428 14.32 12.83 -5.93
C ASP A 428 13.25 12.76 -7.02
N ASN A 429 12.74 11.57 -7.27
CA ASN A 429 11.55 11.39 -8.13
C ASN A 429 10.32 11.48 -7.24
N ILE A 430 9.48 12.49 -7.39
CA ILE A 430 8.40 12.78 -6.40
C ILE A 430 7.04 12.76 -7.09
N PRO A 431 5.97 12.44 -6.33
CA PRO A 431 4.61 12.55 -6.87
C PRO A 431 4.22 14.02 -6.87
N VAL A 432 3.73 14.52 -8.00
CA VAL A 432 3.25 15.92 -8.21
CA VAL A 432 3.20 15.91 -8.09
C VAL A 432 1.76 15.87 -8.61
N VAL A 433 0.92 16.72 -8.03
CA VAL A 433 -0.54 16.77 -8.37
C VAL A 433 -0.67 17.24 -9.83
N ILE A 434 -1.56 16.63 -10.62
CA ILE A 434 -1.79 17.08 -12.03
C ILE A 434 -3.08 17.89 -12.10
N ASP A 435 -3.94 17.78 -11.10
CA ASP A 435 -5.35 18.24 -11.13
C ASP A 435 -5.57 19.05 -9.84
N GLU A 436 -5.34 20.37 -9.93
CA GLU A 436 -5.47 21.36 -8.82
CA GLU A 436 -5.46 21.33 -8.79
C GLU A 436 -6.85 21.27 -8.16
N SER A 437 -7.85 20.76 -8.89
CA SER A 437 -9.22 20.48 -8.36
C SER A 437 -9.19 19.38 -7.28
N TYR A 438 -8.10 18.62 -7.16
CA TYR A 438 -7.85 17.71 -6.01
C TYR A 438 -6.88 18.46 -5.09
N GLY A 439 -6.68 18.01 -3.87
CA GLY A 439 -5.93 18.84 -2.92
C GLY A 439 -4.46 19.05 -3.23
N ASN A 440 -3.78 19.54 -2.21
CA ASN A 440 -2.32 19.67 -2.07
C ASN A 440 -1.82 18.34 -1.49
N ILE A 441 -0.86 17.68 -2.12
CA ILE A 441 -0.42 16.34 -1.65
C ILE A 441 0.20 16.45 -0.26
N ASP A 442 1.01 17.48 0.03
CA ASP A 442 1.68 17.61 1.34
C ASP A 442 0.65 17.79 2.43
N ASP A 443 -0.36 18.63 2.19
CA ASP A 443 -1.44 18.89 3.17
C ASP A 443 -2.27 17.60 3.39
N ALA A 444 -2.47 16.80 2.35
CA ALA A 444 -3.22 15.53 2.47
C ALA A 444 -2.44 14.56 3.37
N ILE A 445 -1.10 14.53 3.26
CA ILE A 445 -0.25 13.58 4.03
C ILE A 445 -0.28 14.04 5.50
N ILE A 446 -0.17 15.35 5.73
CA ILE A 446 -0.13 15.91 7.10
C ILE A 446 -1.51 15.72 7.74
N GLU A 447 -2.60 15.85 6.99
CA GLU A 447 -3.96 15.57 7.52
CA GLU A 447 -3.97 15.56 7.51
C GLU A 447 -3.99 14.12 8.06
N VAL A 448 -3.42 13.16 7.34
CA VAL A 448 -3.44 11.74 7.80
C VAL A 448 -2.66 11.61 9.10
N VAL A 449 -1.52 12.31 9.19
CA VAL A 449 -0.61 12.27 10.35
C VAL A 449 -1.37 12.84 11.55
N GLU A 450 -2.05 13.98 11.36
CA GLU A 450 -2.83 14.64 12.44
CA GLU A 450 -2.85 14.67 12.41
C GLU A 450 -3.95 13.71 12.89
N MSE A 451 -4.63 13.05 11.94
CA MSE A 451 -5.66 12.08 12.32
C MSE A 451 -5.09 10.91 13.11
O MSE A 451 -5.72 10.46 14.07
CB MSE A 451 -6.38 11.52 11.09
CG MSE A 451 -7.32 12.50 10.41
SE MSE A 451 -7.98 11.61 8.79
CE MSE A 451 -7.14 12.22 7.13
H MSE A 451 -4.44 13.22 10.97
HA MSE A 451 -6.32 12.54 12.88
HB2 MSE A 451 -6.89 10.75 11.34
HB3 MSE A 451 -5.73 11.24 10.45
HG2 MSE A 451 -6.84 13.33 10.18
HG3 MSE A 451 -8.07 12.72 11.00
HE1 MSE A 451 -7.07 11.47 6.51
HE2 MSE A 451 -6.25 12.55 7.33
HE3 MSE A 451 -7.68 12.92 6.73
N ALA A 452 -3.88 10.45 12.74
CA ALA A 452 -3.23 9.34 13.43
C ALA A 452 -2.90 9.72 14.88
N ILE A 453 -2.34 10.92 15.08
CA ILE A 453 -1.94 11.44 16.42
C ILE A 453 -3.21 11.57 17.27
N ASP A 454 -4.28 12.10 16.70
CA ASP A 454 -5.58 12.27 17.40
CA ASP A 454 -5.60 12.28 17.37
C ASP A 454 -6.12 10.91 17.81
N ASP A 455 -6.13 9.93 16.89
CA ASP A 455 -6.57 8.54 17.19
C ASP A 455 -5.77 8.05 18.40
N PHE A 456 -4.45 8.19 18.34
CA PHE A 456 -3.52 7.66 19.35
C PHE A 456 -3.84 8.29 20.71
N LYS A 457 -4.01 9.61 20.75
CA LYS A 457 -4.26 10.35 22.01
C LYS A 457 -5.62 9.92 22.58
N ASN A 458 -6.64 9.77 21.74
CA ASN A 458 -8.03 9.47 22.16
CA ASN A 458 -8.04 9.46 22.13
C ASN A 458 -8.12 8.02 22.66
N ASN A 459 -7.42 7.08 22.03
CA ASN A 459 -7.35 5.66 22.47
CA ASN A 459 -7.36 5.67 22.49
C ASN A 459 -6.44 5.57 23.71
N ARG A 460 -5.62 6.61 23.94
CA ARG A 460 -4.61 6.76 25.04
C ARG A 460 -3.38 5.89 24.73
S1 MPO B . -23.53 -8.05 -7.05
O1 MPO B . -22.10 -8.06 -6.88
O2 MPO B . -24.42 -9.11 -6.66
O4 MPO B . -29.32 -7.36 -12.45
N1 MPO B . -26.95 -7.06 -10.89
C1 MPO B . -23.82 -7.77 -8.78
O3 MPO B . -23.95 -6.73 -6.37
C2 MPO B . -25.31 -7.75 -9.11
C3 MPO B . -25.55 -7.38 -10.58
C4 MPO B . -27.85 -8.22 -10.73
C5 MPO B . -29.26 -7.88 -11.13
C6 MPO B . -28.52 -6.18 -12.55
C7 MPO B . -27.08 -6.50 -12.24
H11 MPO B . -23.37 -8.46 -9.28
H12 MPO B . -23.40 -6.92 -9.03
HO3 MPO B . -24.60 -6.85 -5.90
H21 MPO B . -25.76 -7.11 -8.56
H22 MPO B . -25.69 -8.61 -8.94
H31 MPO B . -24.99 -6.62 -10.80
H32 MPO B . -25.27 -8.12 -11.14
H41 MPO B . -27.83 -8.52 -9.80
H42 MPO B . -27.53 -8.96 -11.29
H51 MPO B . -29.62 -7.22 -10.50
H52 MPO B . -29.82 -8.68 -11.06
H61 MPO B . -28.85 -5.51 -11.93
H62 MPO B . -28.59 -5.84 -13.46
H71 MPO B . -26.73 -7.15 -12.90
H72 MPO B . -26.54 -5.67 -12.31
C1 EDO C . 29.19 26.75 -18.35
O1 EDO C . 28.96 27.08 -19.70
C2 EDO C . 30.56 26.24 -18.11
O2 EDO C . 30.90 25.15 -18.95
H11 EDO C . 28.55 26.06 -18.08
H12 EDO C . 29.05 27.55 -17.79
HO1 EDO C . 28.15 27.30 -19.62
H21 EDO C . 30.64 25.96 -17.18
H22 EDO C . 31.21 26.96 -18.27
HO2 EDO C . 30.20 24.64 -19.04
C1 EDO D . 7.83 0.01 -6.09
O1 EDO D . 8.40 1.29 -6.16
C2 EDO D . 6.96 -0.22 -7.26
O2 EDO D . 5.63 0.16 -7.07
H11 EDO D . 7.31 -0.07 -5.26
H12 EDO D . 8.54 -0.67 -6.06
HO1 EDO D . 8.85 1.53 -5.64
H21 EDO D . 6.97 -1.17 -7.47
H22 EDO D . 7.32 0.26 -8.02
HO2 EDO D . 5.26 -0.35 -6.49
C1 EDO E . 9.46 -0.67 0.87
O1 EDO E . 9.56 0.65 0.33
C2 EDO E . 10.67 -1.10 1.62
O2 EDO E . 10.46 -2.26 2.44
H11 EDO E . 9.30 -1.30 0.13
H12 EDO E . 8.69 -0.71 1.46
HO1 EDO E . 8.68 0.86 -0.04
H21 EDO E . 10.97 -0.36 2.19
H22 EDO E . 11.39 -1.30 0.98
HO2 EDO E . 10.10 -2.86 1.99
C1 EDO F . -30.88 -30.30 15.86
O1 EDO F . -29.52 -29.88 15.75
C2 EDO F . -31.07 -31.57 15.19
O2 EDO F . -29.82 -32.17 14.89
H11 EDO F . -31.45 -29.62 15.45
H12 EDO F . -31.10 -30.39 16.80
HO1 EDO F . -29.43 -29.13 16.13
H21 EDO F . -31.59 -31.43 14.38
H22 EDO F . -31.58 -32.16 15.78
HO2 EDO F . -29.33 -32.17 15.58
C1 EDO G . -33.52 -12.44 12.36
O1 EDO G . -33.42 -11.51 13.42
C2 EDO G . -34.40 -13.57 12.70
O2 EDO G . -34.18 -14.69 11.88
H11 EDO G . -32.63 -12.79 12.15
H12 EDO G . -33.87 -11.99 11.57
HO1 EDO G . -32.87 -10.95 13.28
H21 EDO G . -35.34 -13.29 12.60
H22 EDO G . -34.26 -13.83 13.63
HO2 EDO G . -34.82 -14.79 11.34
C1 EDO H . -29.85 -14.84 -8.61
O1 EDO H . -28.68 -14.04 -8.68
C2 EDO H . -29.67 -16.17 -9.25
O2 EDO H . -30.88 -16.80 -9.64
H11 EDO H . -30.58 -14.37 -9.07
H12 EDO H . -30.10 -14.96 -7.67
HO1 EDO H . -28.78 -13.25 -8.40
H21 EDO H . -29.20 -16.75 -8.61
H22 EDO H . -29.09 -16.06 -10.03
HO2 EDO H . -31.38 -16.90 -8.97
C1 EDO I . -19.81 -4.11 -3.69
O1 EDO I . -20.05 -4.83 -4.90
C2 EDO I . -18.94 -4.85 -2.73
O2 EDO I . -18.88 -4.27 -1.45
H11 EDO I . -20.67 -3.92 -3.25
H12 EDO I . -19.38 -3.26 -3.91
HO1 EDO I . -20.56 -4.36 -5.42
H21 EDO I . -18.02 -4.89 -3.11
H22 EDO I . -19.27 -5.77 -2.65
HO2 EDO I . -18.54 -3.50 -1.50
C1 EDO J . -18.23 -19.66 -11.48
O1 EDO J . -17.91 -18.25 -11.40
C2 EDO J . -18.85 -20.21 -10.26
O2 EDO J . -17.97 -20.31 -9.15
H11 EDO J . -17.40 -20.15 -11.67
H12 EDO J . -18.84 -19.79 -12.23
HO1 EDO J . -17.56 -17.98 -12.14
H21 EDO J . -19.20 -21.10 -10.46
H22 EDO J . -19.61 -19.65 -10.01
HO2 EDO J . -17.69 -19.54 -8.94
C1 EDO K . -18.56 -9.95 -13.68
O1 EDO K . -17.72 -9.66 -14.79
C2 EDO K . -19.31 -11.22 -13.88
O2 EDO K . -18.85 -12.30 -13.10
H11 EDO K . -19.20 -9.21 -13.56
H12 EDO K . -18.01 -10.02 -12.87
HO1 EDO K . -17.30 -8.91 -14.62
H21 EDO K . -19.25 -11.46 -14.82
H22 EDO K . -20.25 -11.04 -13.66
HO2 EDO K . -18.01 -12.38 -13.19
C1 EDO L . 7.27 20.19 -4.47
O1 EDO L . 6.50 19.70 -5.55
C2 EDO L . 7.52 19.13 -3.45
O2 EDO L . 7.22 19.53 -2.13
H11 EDO L . 6.79 20.94 -4.06
H12 EDO L . 8.12 20.52 -4.82
HO1 EDO L . 6.36 20.31 -6.12
H21 EDO L . 8.47 18.88 -3.49
H22 EDO L . 7.00 18.34 -3.68
HO2 EDO L . 7.70 20.19 -1.91
C1 EDO M . 4.49 20.51 14.05
O1 EDO M . 3.95 20.74 12.75
C2 EDO M . 4.22 19.15 14.56
O2 EDO M . 4.48 19.01 15.94
H11 EDO M . 4.11 21.16 14.67
H12 EDO M . 5.46 20.65 14.01
HO1 EDO M . 4.08 21.59 12.53
H21 EDO M . 4.77 18.51 14.06
H22 EDO M . 3.28 18.92 14.39
HO2 EDO M . 5.31 19.15 16.08
C1 EDO N . -6.38 -1.43 -18.35
O1 EDO N . -7.09 -0.42 -17.71
C2 EDO N . -7.17 -2.67 -18.45
O2 EDO N . -6.37 -3.84 -18.41
H11 EDO N . -5.56 -1.62 -17.83
H12 EDO N . -6.12 -1.13 -19.24
HO1 EDO N . -6.64 0.24 -17.68
H21 EDO N . -7.66 -2.65 -19.30
H22 EDO N . -7.83 -2.69 -17.73
HO2 EDO N . -5.85 -3.86 -19.07
C1 EDO O . 14.17 11.70 -11.61
O1 EDO O . 12.91 11.89 -11.01
C2 EDO O . 14.05 11.29 -13.03
O2 EDO O . 15.11 10.48 -13.48
H11 EDO O . 14.66 11.00 -11.13
H12 EDO O . 14.69 12.53 -11.56
HO1 EDO O . 13.00 12.12 -10.19
H21 EDO O . 14.01 12.10 -13.59
H22 EDO O . 13.20 10.80 -13.15
HO2 EDO O . 15.83 10.92 -13.46
C1 EDO P . 16.16 27.02 -21.08
O1 EDO P . 16.78 28.29 -21.25
C2 EDO P . 15.51 26.52 -22.32
O2 EDO P . 16.21 25.43 -22.90
H11 EDO P . 15.48 27.09 -20.38
H12 EDO P . 16.83 26.38 -20.80
HO1 EDO P . 17.13 28.53 -20.53
H21 EDO P . 15.46 27.25 -22.97
H22 EDO P . 14.59 26.24 -22.11
HO2 EDO P . 16.97 25.70 -23.17
C1 EDO Q . 3.62 18.57 -14.35
O1 EDO Q . 2.22 18.73 -14.12
C2 EDO Q . 4.08 19.11 -15.66
O2 EDO Q . 5.03 18.29 -16.36
H11 EDO Q . 3.84 17.61 -14.32
H12 EDO Q . 4.11 19.02 -13.64
HO1 EDO Q . 2.01 18.45 -13.37
H21 EDO Q . 4.47 19.99 -15.51
H22 EDO Q . 3.29 19.23 -16.24
HO2 EDO Q . 5.65 18.78 -16.67
C1 EDO R . 15.42 23.92 -6.07
O1 EDO R . 16.02 23.88 -7.39
C2 EDO R . 14.66 22.67 -5.73
O2 EDO R . 14.75 22.29 -4.37
H11 EDO R . 14.81 24.68 -6.03
H12 EDO R . 16.13 24.06 -5.40
HO1 EDO R . 16.45 24.62 -7.53
H21 EDO R . 15.01 21.94 -6.28
H22 EDO R . 13.73 22.81 -5.96
HO2 EDO R . 14.45 22.90 -3.88
C1 EDO S . -27.34 -21.65 -14.50
O1 EDO S . -27.94 -20.40 -14.72
C2 EDO S . -27.31 -22.09 -13.10
O2 EDO S . -26.00 -22.45 -12.71
H11 EDO S . -26.42 -21.63 -14.85
H12 EDO S . -27.85 -22.31 -15.01
HO1 EDO S . -27.92 -20.19 -15.53
H21 EDO S . -27.91 -22.85 -12.99
H22 EDO S . -27.63 -21.36 -12.53
HO2 EDO S . -25.78 -23.17 -13.10
C1 EDO T . -39.90 -25.08 -6.48
O1 EDO T . -41.17 -24.74 -5.96
C2 EDO T . -40.01 -26.13 -7.52
O2 EDO T . -39.52 -25.70 -8.76
H11 EDO T . -39.32 -25.39 -5.76
H12 EDO T . -39.49 -24.29 -6.88
HO1 EDO T . -41.16 -24.15 -5.38
H21 EDO T . -40.94 -26.40 -7.61
H22 EDO T . -39.49 -26.92 -7.22
HO2 EDO T . -40.04 -25.12 -9.08
C1 EDO U . -13.97 -3.82 0.16
O1 EDO U . -15.07 -3.05 -0.26
C2 EDO U . -13.48 -3.41 1.49
O2 EDO U . -13.06 -4.51 2.32
H11 EDO U . -13.24 -3.72 -0.50
H12 EDO U . -14.23 -4.77 0.18
HO1 EDO U . -15.30 -3.25 -1.06
H21 EDO U . -14.19 -2.94 1.96
H22 EDO U . -12.72 -2.80 1.38
HO2 EDO U . -12.45 -4.95 1.91
C1 EDO V . 8.03 2.28 -10.80
O1 EDO V . 7.76 1.57 -9.60
C2 EDO V . 8.79 1.48 -11.78
O2 EDO V . 8.15 1.43 -13.04
H11 EDO V . 8.54 3.09 -10.58
H12 EDO V . 7.18 2.57 -11.20
HO1 EDO V . 7.39 2.07 -9.07
H21 EDO V . 8.89 0.57 -11.45
H22 EDO V . 9.68 1.87 -11.89
HO2 EDO V . 8.15 2.21 -13.39
C1 EDO W . 9.58 18.42 0.02
O1 EDO W . 8.18 18.62 0.23
C2 EDO W . 10.17 17.43 0.93
O2 EDO W . 10.79 16.35 0.24
H11 EDO W . 10.04 19.28 0.14
H12 EDO W . 9.71 18.13 -0.92
HO1 EDO W . 7.90 19.27 -0.23
H21 EDO W . 9.46 17.07 1.50
H22 EDO W . 10.83 17.87 1.49
HO2 EDO W . 11.48 16.63 -0.16
C1 EDO X . -7.36 13.85 -13.67
O1 EDO X . -8.21 13.90 -12.52
C2 EDO X . -8.08 13.55 -14.94
O2 EDO X . -7.24 13.66 -16.08
H11 EDO X . -6.67 13.17 -13.53
H12 EDO X . -6.92 14.72 -13.76
HO1 EDO X . -7.72 14.07 -11.90
H21 EDO X . -8.83 14.16 -15.02
H22 EDO X . -8.43 12.64 -14.88
HO2 EDO X . -6.57 13.14 -15.99
C1 EDO Y . -13.22 12.78 1.60
O1 EDO Y . -11.92 13.35 1.66
C2 EDO Y . -13.94 13.06 0.34
O2 EDO Y . -13.56 12.21 -0.72
H11 EDO Y . -13.74 13.13 2.35
H12 EDO Y . -13.15 11.82 1.71
HO1 EDO Y . -11.70 13.13 2.44
H21 EDO Y . -13.77 13.99 0.09
H22 EDO Y . -14.90 12.96 0.50
HO2 EDO Y . -12.74 12.30 -0.87
C1 EDO Z . -5.86 19.13 0.95
O1 EDO Z . -5.60 20.14 -0.04
C2 EDO Z . -5.73 17.76 0.42
O2 EDO Z . -6.82 17.35 -0.40
H11 EDO Z . -6.76 19.25 1.30
H12 EDO Z . -5.23 19.25 1.69
HO1 EDO Z . -5.67 20.83 0.43
H21 EDO Z . -5.65 17.14 1.18
H22 EDO Z . -4.90 17.69 -0.10
HO2 EDO Z . -7.53 17.35 0.06
C1 EDO AA . -4.10 -3.11 7.58
O1 EDO AA . -4.03 -1.81 8.18
C2 EDO AA . -3.71 -4.20 8.49
O2 EDO AA . -4.78 -5.07 8.82
H11 EDO AA . -3.51 -3.13 6.80
H12 EDO AA . -5.02 -3.26 7.28
HO1 EDO AA . -4.41 -1.33 7.55
H21 EDO AA . -3.34 -3.82 9.32
H22 EDO AA . -3.00 -4.72 8.06
HO2 EDO AA . -5.35 -4.64 9.28
C1 PEG BA . 8.53 -3.11 -3.81
O1 PEG BA . 7.98 -2.28 -2.77
C2 PEG BA . 10.02 -3.03 -3.88
O2 PEG BA . 10.60 -3.31 -2.61
C3 PEG BA . 11.89 -2.72 -2.42
C4 PEG BA . 11.77 -1.29 -1.97
O4 PEG BA . 12.91 -0.84 -1.25
H11 PEG BA . 8.16 -2.84 -4.68
H12 PEG BA . 8.27 -4.04 -3.66
HO1 PEG BA . 7.11 -2.32 -2.86
H21 PEG BA . 10.29 -2.13 -4.18
H22 PEG BA . 10.36 -3.68 -4.54
H31 PEG BA . 12.39 -2.76 -3.27
H32 PEG BA . 12.38 -3.23 -1.75
H41 PEG BA . 10.98 -1.19 -1.41
H42 PEG BA . 11.65 -0.71 -2.76
HO4 PEG BA . 13.59 -0.90 -1.74
NA NA CA . -21.44 -27.42 16.33
CL CL DA . -27.10 -5.34 1.54
#